data_4TN7
#
_entry.id   4TN7
#
_cell.length_a   55.063
_cell.length_b   157.928
_cell.length_c   48.706
_cell.angle_alpha   90.00
_cell.angle_beta   90.00
_cell.angle_gamma   90.00
#
_symmetry.space_group_name_H-M   'P 1 21 1'
#
loop_
_entity.id
_entity.type
_entity.pdbx_description
1 polymer 'Lysine-specific demethylase 2A'
2 polymer 'Lysine-specific demethylase 2A'
3 polymer Peptide
4 non-polymer 'FE (III) ION'
5 non-polymer 'NITRIC OXIDE'
6 non-polymer 'SUCCINIC ACID'
7 water water
#
loop_
_entity_poly.entity_id
_entity_poly.type
_entity_poly.pdbx_seq_one_letter_code
_entity_poly.pdbx_strand_id
1 'polypeptide(L)'
;RTFDLEEKLQTNKYNANFVTFMEGKDFNVEYIQRGGLRDPLIFKNSDGLGIKMPDPDFTVNDVKMCVGSRRMVDVMDVNT
QKGIEMTMAQWTRYYETPEEEREKLYNVISLEFSHTRLENMVQRPSTVDFIDWVDNMWPRHLKESQTESTNAILEMQYPK
VQKYCLMSVRGCYTDFHVDFGGTSVWYHIHQGGKVFWLIPPTAHNLELYENWLLSGKQGDIFLGDRVSDCQRIELKQGYT
FVIPSGWIHAVYTPTDTLVFGGNFLHSFNIPMQLKIYSIEDRTRVPNKFRYPFYYEMCWYVLERYVYCITNRSHLTKDFQ
KESLSMDME
;
A,C
2 'polypeptide(L)' QVHLTHFELEGLRCLVDKLESLPLHKKCVPTGIEDEDALIADVKILLEELASSDPKLALTGVPIVQWP B,D
3 'polypeptide(L)' APATGGV(MLZ)KPHRYRP E,F
#
loop_
_chem_comp.id
_chem_comp.type
_chem_comp.name
_chem_comp.formula
FE non-polymer 'FE (III) ION' 'Fe 3'
NO non-polymer 'NITRIC OXIDE' 'N O'
SIN non-polymer 'SUCCINIC ACID' 'C4 H6 O4'
#
# COMPACT_ATOMS: atom_id res chain seq x y z
N ARG A 1 1.76 11.35 -26.32
CA ARG A 1 1.60 10.21 -25.43
C ARG A 1 0.85 9.07 -26.10
N THR A 2 0.91 7.89 -25.52
CA THR A 2 0.22 6.72 -26.07
C THR A 2 -1.02 6.34 -25.24
N PHE A 3 -1.04 6.73 -23.97
CA PHE A 3 -2.18 6.44 -23.12
C PHE A 3 -3.29 7.46 -23.35
N ASP A 4 -4.52 7.06 -23.04
CA ASP A 4 -5.68 7.93 -23.27
C ASP A 4 -6.03 8.75 -22.03
N LEU A 5 -5.65 10.03 -22.04
CA LEU A 5 -5.90 10.92 -20.92
C LEU A 5 -7.40 11.04 -20.62
N GLU A 6 -8.20 10.97 -21.68
CA GLU A 6 -9.64 11.16 -21.56
C GLU A 6 -10.30 10.16 -20.63
N GLU A 7 -9.94 8.89 -20.77
CA GLU A 7 -10.50 7.84 -19.92
C GLU A 7 -9.96 7.94 -18.50
N LYS A 8 -8.75 8.47 -18.37
CA LYS A 8 -8.13 8.66 -17.06
C LYS A 8 -8.94 9.65 -16.23
N LEU A 9 -9.75 10.44 -16.91
CA LEU A 9 -10.60 11.45 -16.27
C LEU A 9 -12.02 10.93 -16.05
N GLN A 10 -12.39 9.87 -16.76
CA GLN A 10 -13.74 9.33 -16.71
C GLN A 10 -13.86 8.20 -15.69
N THR A 11 -12.84 7.34 -15.64
CA THR A 11 -12.87 6.15 -14.81
C THR A 11 -13.06 6.47 -13.32
N ASN A 12 -13.53 5.48 -12.58
CA ASN A 12 -13.74 5.63 -11.15
C ASN A 12 -12.79 4.73 -10.34
N LYS A 13 -11.77 4.22 -11.01
CA LYS A 13 -10.83 3.31 -10.37
C LYS A 13 -9.90 4.03 -9.40
N TYR A 14 -9.70 5.32 -9.63
CA TYR A 14 -8.85 6.12 -8.75
C TYR A 14 -9.66 6.66 -7.59
N ASN A 15 -10.25 5.75 -6.83
CA ASN A 15 -11.15 6.12 -5.74
C ASN A 15 -10.52 5.98 -4.36
N ALA A 16 -9.19 6.05 -4.31
CA ALA A 16 -8.49 6.03 -3.03
C ALA A 16 -8.89 7.25 -2.21
N ASN A 17 -8.85 7.12 -0.89
CA ASN A 17 -9.28 8.22 -0.03
C ASN A 17 -8.13 8.77 0.81
N PHE A 18 -7.34 9.65 0.21
CA PHE A 18 -6.15 10.20 0.86
C PHE A 18 -6.40 11.60 1.42
N VAL A 19 -7.16 12.40 0.68
CA VAL A 19 -7.35 13.80 1.01
C VAL A 19 -8.24 14.02 2.23
N THR A 20 -7.86 14.99 3.06
CA THR A 20 -8.65 15.37 4.23
C THR A 20 -9.18 16.79 4.09
N PHE A 21 -10.50 16.95 4.26
CA PHE A 21 -11.13 18.26 4.18
C PHE A 21 -11.16 18.92 5.56
N MET A 22 -10.59 20.12 5.65
CA MET A 22 -10.40 20.77 6.95
C MET A 22 -10.95 22.18 7.03
N GLU A 23 -11.14 22.64 8.25
CA GLU A 23 -11.48 24.04 8.52
C GLU A 23 -10.20 24.82 8.75
N GLY A 24 -10.13 26.02 8.20
CA GLY A 24 -8.94 26.85 8.29
C GLY A 24 -8.40 27.05 9.70
N LYS A 25 -9.30 27.27 10.65
CA LYS A 25 -8.88 27.56 12.02
C LYS A 25 -8.35 26.32 12.74
N ASP A 26 -8.50 25.16 12.10
CA ASP A 26 -7.96 23.92 12.64
C ASP A 26 -6.55 23.67 12.12
N PHE A 27 -6.16 24.45 11.11
CA PHE A 27 -4.84 24.31 10.50
C PHE A 27 -3.83 25.23 11.20
N ASN A 28 -3.36 24.78 12.36
CA ASN A 28 -2.41 25.54 13.14
C ASN A 28 -1.13 24.77 13.41
N VAL A 29 -0.20 25.39 14.14
CA VAL A 29 1.08 24.77 14.45
C VAL A 29 0.91 23.47 15.25
N GLU A 30 -0.06 23.44 16.14
CA GLU A 30 -0.31 22.24 16.95
C GLU A 30 -0.70 21.05 16.08
N TYR A 31 -1.47 21.33 15.03
CA TYR A 31 -1.89 20.29 14.09
C TYR A 31 -0.69 19.65 13.41
N ILE A 32 0.24 20.49 12.95
CA ILE A 32 1.46 20.00 12.33
C ILE A 32 2.28 19.19 13.34
N GLN A 33 2.29 19.67 14.58
CA GLN A 33 3.00 18.97 15.65
C GLN A 33 2.35 17.62 15.96
N ARG A 34 1.06 17.52 15.71
CA ARG A 34 0.32 16.28 15.97
C ARG A 34 0.43 15.29 14.81
N GLY A 35 0.34 15.79 13.59
CA GLY A 35 0.31 14.93 12.42
C GLY A 35 1.58 14.94 11.57
N GLY A 36 2.36 16.00 11.67
CA GLY A 36 3.57 16.13 10.89
C GLY A 36 3.31 16.46 9.43
N LEU A 37 2.09 16.88 9.14
CA LEU A 37 1.68 17.27 7.80
C LEU A 37 1.87 16.11 6.81
N ARG A 38 1.37 14.94 7.18
CA ARG A 38 1.52 13.74 6.36
C ARG A 38 0.35 13.55 5.40
N ASP A 39 -0.76 14.24 5.66
CA ASP A 39 -1.98 14.05 4.88
C ASP A 39 -2.32 15.25 4.00
N PRO A 40 -2.71 14.97 2.75
CA PRO A 40 -3.20 15.99 1.82
C PRO A 40 -4.43 16.71 2.38
N LEU A 41 -4.43 18.03 2.35
CA LEU A 41 -5.50 18.81 2.96
C LEU A 41 -6.20 19.71 1.95
N ILE A 42 -7.53 19.80 2.05
CA ILE A 42 -8.30 20.72 1.22
C ILE A 42 -9.15 21.64 2.07
N PHE A 43 -9.08 22.92 1.77
CA PHE A 43 -9.93 23.90 2.44
C PHE A 43 -10.93 24.46 1.44
N LYS A 44 -12.18 24.01 1.55
CA LYS A 44 -13.23 24.39 0.60
C LYS A 44 -13.49 25.90 0.61
N ASN A 45 -13.19 26.54 1.73
CA ASN A 45 -13.21 28.00 1.81
C ASN A 45 -11.98 28.55 2.51
N SER A 46 -11.85 29.87 2.53
CA SER A 46 -10.64 30.54 3.00
C SER A 46 -10.66 30.86 4.50
N ASP A 47 -11.82 30.70 5.12
CA ASP A 47 -12.01 31.05 6.52
C ASP A 47 -10.95 30.46 7.45
N GLY A 48 -10.32 31.33 8.24
CA GLY A 48 -9.34 30.89 9.22
C GLY A 48 -7.94 30.72 8.69
N LEU A 49 -7.80 30.66 7.38
CA LEU A 49 -6.49 30.41 6.77
C LEU A 49 -5.57 31.62 6.89
N GLY A 50 -6.13 32.82 6.70
CA GLY A 50 -5.34 34.04 6.76
C GLY A 50 -4.63 34.33 5.45
N ILE A 51 -5.24 33.93 4.34
CA ILE A 51 -4.67 34.18 3.02
C ILE A 51 -5.19 35.49 2.43
N LYS A 52 -4.45 36.00 1.45
CA LYS A 52 -4.85 37.20 0.73
C LYS A 52 -4.71 36.97 -0.77
N MET A 53 -5.76 37.28 -1.53
CA MET A 53 -5.74 37.08 -2.96
C MET A 53 -6.17 38.32 -3.74
N PRO A 54 -5.70 38.45 -4.99
CA PRO A 54 -6.06 39.56 -5.87
C PRO A 54 -7.55 39.56 -6.19
N ASP A 55 -7.99 40.58 -6.93
CA ASP A 55 -9.39 40.68 -7.34
C ASP A 55 -9.83 39.45 -8.11
N PRO A 56 -11.01 38.90 -7.75
CA PRO A 56 -11.59 37.70 -8.35
C PRO A 56 -11.63 37.73 -9.89
N ASP A 57 -11.58 38.90 -10.49
CA ASP A 57 -11.55 39.01 -11.95
C ASP A 57 -10.16 39.39 -12.46
N PHE A 58 -9.14 39.10 -11.65
CA PHE A 58 -7.76 39.36 -12.01
C PHE A 58 -7.39 38.66 -13.32
N THR A 59 -6.75 39.39 -14.24
CA THR A 59 -6.45 38.82 -15.54
C THR A 59 -4.98 38.51 -15.70
N VAL A 60 -4.65 37.79 -16.78
CA VAL A 60 -3.27 37.47 -17.09
C VAL A 60 -2.51 38.75 -17.45
N ASN A 61 -3.20 39.68 -18.10
CA ASN A 61 -2.59 40.97 -18.44
C ASN A 61 -2.27 41.77 -17.19
N ASP A 62 -3.10 41.62 -16.15
CA ASP A 62 -2.84 42.25 -14.87
C ASP A 62 -1.59 41.64 -14.25
N VAL A 63 -1.37 40.36 -14.51
CA VAL A 63 -0.17 39.67 -14.04
C VAL A 63 1.05 40.24 -14.74
N LYS A 64 0.94 40.44 -16.05
CA LYS A 64 2.00 41.03 -16.85
C LYS A 64 2.36 42.43 -16.34
N MET A 65 1.35 43.25 -16.10
CA MET A 65 1.54 44.62 -15.64
C MET A 65 2.26 44.68 -14.30
N CYS A 66 2.01 43.68 -13.46
CA CYS A 66 2.55 43.66 -12.10
C CYS A 66 3.97 43.13 -12.04
N VAL A 67 4.33 42.28 -13.00
CA VAL A 67 5.66 41.66 -13.00
C VAL A 67 6.58 42.26 -14.06
N GLY A 68 5.98 42.91 -15.05
CA GLY A 68 6.75 43.51 -16.13
C GLY A 68 6.48 42.81 -17.46
N SER A 69 6.28 43.60 -18.50
CA SER A 69 5.95 43.08 -19.82
C SER A 69 7.10 42.30 -20.43
N ARG A 70 8.32 42.62 -20.03
CA ARG A 70 9.52 42.02 -20.59
C ARG A 70 10.11 40.93 -19.68
N ARG A 71 9.40 40.63 -18.60
CA ARG A 71 9.80 39.54 -17.71
C ARG A 71 9.77 38.21 -18.45
N MET A 72 10.92 37.54 -18.51
CA MET A 72 11.02 36.24 -19.15
C MET A 72 10.39 35.16 -18.27
N VAL A 73 9.59 34.29 -18.87
CA VAL A 73 8.91 33.24 -18.12
C VAL A 73 9.20 31.87 -18.70
N ASP A 74 9.22 30.86 -17.84
CA ASP A 74 9.41 29.48 -18.27
C ASP A 74 8.05 28.88 -18.66
N VAL A 75 7.90 28.54 -19.93
CA VAL A 75 6.66 27.97 -20.45
C VAL A 75 6.83 26.49 -20.75
N MET A 76 5.79 25.71 -20.49
CA MET A 76 5.85 24.27 -20.72
C MET A 76 5.01 23.84 -21.92
N ASP A 77 5.67 23.17 -22.86
CA ASP A 77 4.99 22.55 -23.99
C ASP A 77 4.31 21.28 -23.49
N VAL A 78 2.97 21.28 -23.49
CA VAL A 78 2.20 20.19 -22.92
C VAL A 78 2.45 18.86 -23.61
N ASN A 79 2.53 18.88 -24.94
CA ASN A 79 2.69 17.67 -25.73
C ASN A 79 4.00 16.93 -25.44
N THR A 80 5.05 17.68 -25.14
CA THR A 80 6.37 17.09 -24.95
C THR A 80 6.85 17.17 -23.51
N GLN A 81 6.14 17.95 -22.69
CA GLN A 81 6.53 18.17 -21.30
C GLN A 81 7.90 18.84 -21.19
N LYS A 82 8.41 19.32 -22.32
CA LYS A 82 9.67 20.06 -22.37
C LYS A 82 9.44 21.49 -21.91
N GLY A 83 10.49 22.30 -21.94
CA GLY A 83 10.39 23.68 -21.51
C GLY A 83 10.88 24.69 -22.53
N ILE A 84 10.14 25.78 -22.68
CA ILE A 84 10.55 26.89 -23.53
C ILE A 84 10.47 28.20 -22.75
N GLU A 85 10.72 29.31 -23.43
CA GLU A 85 10.81 30.59 -22.75
C GLU A 85 10.32 31.75 -23.61
N MET A 86 9.47 32.59 -23.02
CA MET A 86 8.97 33.78 -23.70
C MET A 86 8.68 34.90 -22.69
N THR A 87 8.46 36.11 -23.19
CA THR A 87 8.13 37.23 -22.32
C THR A 87 6.68 37.17 -21.88
N MET A 88 6.37 37.84 -20.76
CA MET A 88 5.01 37.86 -20.23
C MET A 88 4.02 38.51 -21.20
N ALA A 89 4.52 39.46 -21.99
CA ALA A 89 3.72 40.10 -23.02
C ALA A 89 3.36 39.10 -24.12
N GLN A 90 4.33 38.27 -24.48
CA GLN A 90 4.10 37.22 -25.47
C GLN A 90 3.18 36.15 -24.91
N TRP A 91 3.38 35.81 -23.63
CA TRP A 91 2.54 34.83 -22.98
C TRP A 91 1.09 35.32 -22.84
N THR A 92 0.94 36.59 -22.44
CA THR A 92 -0.37 37.21 -22.32
C THR A 92 -1.11 37.20 -23.65
N ARG A 93 -0.36 37.48 -24.72
CA ARG A 93 -0.84 37.44 -26.09
C ARG A 93 -1.37 36.05 -26.45
N TYR A 94 -0.63 35.02 -26.06
CA TYR A 94 -1.04 33.63 -26.30
C TYR A 94 -2.26 33.24 -25.45
N TYR A 95 -2.26 33.65 -24.19
CA TYR A 95 -3.34 33.30 -23.27
C TYR A 95 -4.64 33.98 -23.67
N GLU A 96 -4.53 35.18 -24.24
CA GLU A 96 -5.70 35.95 -24.63
C GLU A 96 -6.24 35.49 -25.97
N THR A 97 -5.49 34.65 -26.67
CA THR A 97 -5.94 34.09 -27.93
C THR A 97 -7.09 33.12 -27.70
N PRO A 98 -8.19 33.28 -28.46
CA PRO A 98 -9.36 32.42 -28.36
C PRO A 98 -8.99 30.93 -28.38
N GLU A 99 -9.74 30.13 -27.63
CA GLU A 99 -9.43 28.72 -27.40
C GLU A 99 -9.22 27.92 -28.69
N GLU A 100 -10.05 28.19 -29.69
CA GLU A 100 -10.03 27.43 -30.93
C GLU A 100 -8.94 27.90 -31.90
N GLU A 101 -8.20 28.94 -31.52
CA GLU A 101 -7.21 29.52 -32.43
C GLU A 101 -5.78 29.24 -31.98
N ARG A 102 -5.60 28.79 -30.75
CA ARG A 102 -4.27 28.50 -30.23
C ARG A 102 -3.63 27.36 -31.01
N GLU A 103 -2.46 27.62 -31.60
CA GLU A 103 -1.76 26.62 -32.40
C GLU A 103 -1.22 25.49 -31.53
N LYS A 104 -1.11 25.74 -30.24
CA LYS A 104 -0.48 24.78 -29.34
C LYS A 104 -0.94 24.93 -27.89
N LEU A 105 -0.73 23.89 -27.09
CA LEU A 105 -1.04 23.93 -25.67
C LEU A 105 0.20 24.28 -24.86
N TYR A 106 0.13 25.40 -24.15
CA TYR A 106 1.23 25.86 -23.32
C TYR A 106 0.79 26.00 -21.87
N ASN A 107 1.73 25.82 -20.95
CA ASN A 107 1.42 25.91 -19.53
C ASN A 107 2.51 26.63 -18.76
N VAL A 108 2.11 27.62 -17.96
CA VAL A 108 3.04 28.35 -17.11
C VAL A 108 2.80 28.00 -15.65
N ILE A 109 3.74 27.25 -15.07
CA ILE A 109 3.59 26.79 -13.69
C ILE A 109 4.75 27.25 -12.81
N SER A 110 5.64 28.07 -13.37
CA SER A 110 6.87 28.43 -12.66
C SER A 110 7.15 29.93 -12.67
N LEU A 111 6.12 30.74 -12.49
CA LEU A 111 6.30 32.19 -12.42
C LEU A 111 6.41 32.65 -10.97
N GLU A 112 7.63 32.69 -10.45
CA GLU A 112 7.87 33.17 -9.08
C GLU A 112 7.90 34.69 -9.08
N PHE A 113 6.91 35.29 -8.41
CA PHE A 113 6.72 36.74 -8.49
C PHE A 113 7.07 37.48 -7.20
N SER A 114 7.91 36.88 -6.37
CA SER A 114 8.41 37.59 -5.20
C SER A 114 9.26 38.77 -5.64
N HIS A 115 9.17 39.87 -4.89
CA HIS A 115 9.92 41.09 -5.18
C HIS A 115 9.43 41.78 -6.46
N THR A 116 8.14 41.60 -6.75
CA THR A 116 7.46 42.33 -7.80
C THR A 116 6.26 43.04 -7.17
N ARG A 117 5.46 43.71 -8.00
CA ARG A 117 4.27 44.39 -7.50
C ARG A 117 3.22 43.35 -7.07
N LEU A 118 3.33 42.16 -7.62
CA LEU A 118 2.38 41.07 -7.34
C LEU A 118 2.58 40.48 -5.95
N GLU A 119 3.77 40.66 -5.40
CA GLU A 119 4.17 40.01 -4.15
C GLU A 119 3.21 40.25 -2.98
N ASN A 120 2.86 41.51 -2.75
CA ASN A 120 2.04 41.88 -1.61
C ASN A 120 0.55 41.65 -1.84
N MET A 121 0.19 41.28 -3.06
CA MET A 121 -1.21 41.03 -3.40
C MET A 121 -1.62 39.61 -3.01
N VAL A 122 -0.63 38.74 -2.85
CA VAL A 122 -0.87 37.35 -2.53
C VAL A 122 -0.18 36.96 -1.23
N GLN A 123 -0.94 36.37 -0.32
CA GLN A 123 -0.40 35.99 0.98
C GLN A 123 -0.64 34.53 1.31
N ARG A 124 0.41 33.85 1.74
CA ARG A 124 0.37 32.44 2.14
C ARG A 124 -0.56 32.22 3.32
N PRO A 125 -1.06 30.98 3.48
CA PRO A 125 -1.77 30.62 4.71
C PRO A 125 -0.86 30.85 5.91
N SER A 126 -1.38 31.52 6.95
CA SER A 126 -0.56 32.01 8.05
C SER A 126 0.32 30.94 8.68
N THR A 127 -0.24 29.74 8.83
CA THR A 127 0.48 28.64 9.46
C THR A 127 1.79 28.31 8.76
N VAL A 128 1.80 28.41 7.44
CA VAL A 128 3.01 28.14 6.66
C VAL A 128 4.17 29.05 7.04
N ASP A 129 3.85 30.28 7.44
CA ASP A 129 4.87 31.25 7.84
C ASP A 129 5.63 30.80 9.09
N PHE A 130 4.95 30.03 9.94
CA PHE A 130 5.54 29.59 11.21
C PHE A 130 6.48 28.41 11.05
N ILE A 131 6.36 27.66 9.95
CA ILE A 131 7.11 26.43 9.80
C ILE A 131 8.06 26.44 8.59
N ASP A 132 7.84 27.36 7.66
CA ASP A 132 8.66 27.42 6.45
C ASP A 132 10.11 27.72 6.80
N TRP A 133 11.02 26.88 6.32
CA TRP A 133 12.44 27.01 6.63
C TRP A 133 13.03 28.34 6.14
N VAL A 134 12.51 28.85 5.04
CA VAL A 134 13.00 30.11 4.48
C VAL A 134 12.77 31.28 5.45
N ASP A 135 11.62 31.27 6.11
CA ASP A 135 11.25 32.38 7.00
C ASP A 135 11.81 32.21 8.41
N ASN A 136 12.23 31.00 8.76
CA ASN A 136 12.66 30.73 10.13
C ASN A 136 14.10 30.24 10.25
N MET A 137 14.66 29.77 9.14
CA MET A 137 16.00 29.19 9.17
C MET A 137 17.04 30.07 8.48
N TRP A 138 16.73 30.53 7.28
CA TRP A 138 17.69 31.28 6.48
C TRP A 138 18.00 32.64 7.11
N PRO A 139 19.29 33.02 7.10
CA PRO A 139 19.73 34.33 7.61
C PRO A 139 18.88 35.47 7.04
N ARG A 140 18.30 36.27 7.93
CA ARG A 140 17.34 37.29 7.54
C ARG A 140 17.93 38.40 6.68
N HIS A 141 19.14 38.83 7.00
CA HIS A 141 19.77 39.94 6.28
C HIS A 141 20.09 39.55 4.85
N LEU A 142 20.25 38.25 4.61
CA LEU A 142 20.49 37.75 3.26
C LEU A 142 19.21 37.82 2.45
N LYS A 143 18.12 37.31 3.01
CA LYS A 143 16.82 37.31 2.34
C LYS A 143 16.34 38.74 2.06
N GLU A 144 16.51 39.62 3.03
CA GLU A 144 16.05 41.00 2.90
C GLU A 144 16.86 41.78 1.87
N SER A 145 17.99 41.22 1.45
CA SER A 145 18.86 41.88 0.48
C SER A 145 18.45 41.56 -0.96
N GLN A 146 17.46 40.68 -1.10
CA GLN A 146 16.99 40.27 -2.43
C GLN A 146 16.37 41.44 -3.19
N THR A 147 16.80 41.64 -4.42
CA THR A 147 16.26 42.69 -5.28
C THR A 147 15.77 42.13 -6.61
N GLU A 148 16.44 41.10 -7.11
CA GLU A 148 16.06 40.48 -8.37
C GLU A 148 14.72 39.75 -8.27
N SER A 149 13.83 40.04 -9.22
CA SER A 149 12.50 39.43 -9.21
C SER A 149 12.46 38.11 -9.99
N THR A 150 13.45 37.89 -10.84
CA THR A 150 13.56 36.62 -11.56
C THR A 150 14.36 35.62 -10.72
N ASN A 151 14.37 34.36 -11.17
CA ASN A 151 15.10 33.32 -10.45
C ASN A 151 16.49 33.08 -11.02
N ALA A 152 17.16 34.13 -11.45
CA ALA A 152 18.55 34.04 -11.85
C ALA A 152 19.37 33.59 -10.64
N ILE A 153 20.21 32.58 -10.83
CA ILE A 153 20.88 31.93 -9.71
C ILE A 153 21.97 32.80 -9.08
N LEU A 154 22.64 33.60 -9.89
CA LEU A 154 23.74 34.42 -9.42
C LEU A 154 23.29 35.59 -8.56
N GLU A 155 22.05 36.02 -8.76
CA GLU A 155 21.49 37.12 -7.98
C GLU A 155 20.60 36.63 -6.85
N MET A 156 20.36 35.32 -6.81
CA MET A 156 19.51 34.74 -5.78
C MET A 156 20.23 34.68 -4.44
N GLN A 157 19.61 35.25 -3.41
CA GLN A 157 20.22 35.33 -2.09
C GLN A 157 19.57 34.35 -1.11
N TYR A 158 18.58 33.60 -1.58
CA TYR A 158 17.88 32.63 -0.76
C TYR A 158 16.97 31.78 -1.64
N PRO A 159 16.48 30.65 -1.11
CA PRO A 159 15.55 29.79 -1.84
C PRO A 159 14.30 30.56 -2.29
N LYS A 160 14.34 31.17 -3.47
CA LYS A 160 13.24 31.96 -3.98
C LYS A 160 12.17 31.06 -4.61
N VAL A 161 11.35 30.45 -3.76
CA VAL A 161 10.35 29.49 -4.21
C VAL A 161 9.05 29.57 -3.42
N GLN A 162 8.78 30.73 -2.82
CA GLN A 162 7.66 30.88 -1.91
C GLN A 162 6.34 31.26 -2.58
N LYS A 163 6.42 32.07 -3.64
CA LYS A 163 5.21 32.54 -4.32
C LYS A 163 5.25 32.31 -5.83
N TYR A 164 4.36 31.44 -6.30
CA TYR A 164 4.27 31.12 -7.73
C TYR A 164 2.90 31.48 -8.31
N CYS A 165 2.91 32.00 -9.54
CA CYS A 165 1.68 32.24 -10.27
C CYS A 165 1.56 31.25 -11.43
N LEU A 166 0.57 30.37 -11.36
CA LEU A 166 0.37 29.36 -12.39
C LEU A 166 -0.79 29.73 -13.30
N MET A 167 -0.53 29.80 -14.60
CA MET A 167 -1.54 30.16 -15.58
C MET A 167 -1.69 29.05 -16.62
N SER A 168 -2.83 28.37 -16.59
CA SER A 168 -3.05 27.22 -17.45
C SER A 168 -4.30 27.40 -18.32
N VAL A 169 -4.18 27.08 -19.60
CA VAL A 169 -5.33 27.07 -20.50
C VAL A 169 -6.04 25.73 -20.42
N ARG A 170 -7.30 25.69 -20.84
CA ARG A 170 -8.06 24.45 -20.86
C ARG A 170 -7.34 23.38 -21.67
N GLY A 171 -7.20 22.19 -21.09
CA GLY A 171 -6.58 21.07 -21.78
C GLY A 171 -5.15 20.80 -21.35
N CYS A 172 -4.58 21.71 -20.58
CA CYS A 172 -3.22 21.55 -20.09
C CYS A 172 -3.08 20.34 -19.17
N TYR A 173 -1.99 19.60 -19.35
CA TYR A 173 -1.70 18.46 -18.50
C TYR A 173 -0.26 18.46 -18.03
N THR A 174 -0.07 18.23 -16.73
CA THR A 174 1.25 18.07 -16.15
C THR A 174 1.42 16.64 -15.67
N ASP A 175 2.38 15.94 -16.24
CA ASP A 175 2.59 14.53 -15.92
C ASP A 175 3.08 14.34 -14.49
N PHE A 176 3.03 13.10 -14.02
CA PHE A 176 3.37 12.77 -12.64
C PHE A 176 4.77 13.23 -12.26
N HIS A 177 4.92 13.73 -11.03
CA HIS A 177 6.17 14.31 -10.58
C HIS A 177 6.14 14.56 -9.08
N VAL A 178 7.31 14.76 -8.50
CA VAL A 178 7.42 15.19 -7.11
C VAL A 178 8.13 16.53 -7.06
N ASP A 179 7.49 17.53 -6.45
CA ASP A 179 8.05 18.88 -6.39
C ASP A 179 9.44 18.88 -5.79
N PHE A 180 10.29 19.79 -6.28
CA PHE A 180 11.72 19.76 -5.97
C PHE A 180 12.00 19.79 -4.47
N GLY A 181 13.08 19.13 -4.10
CA GLY A 181 13.55 19.11 -2.72
C GLY A 181 12.63 18.37 -1.78
N GLY A 182 11.59 17.74 -2.33
CA GLY A 182 10.59 17.08 -1.52
C GLY A 182 9.74 18.09 -0.78
N THR A 183 9.71 19.30 -1.30
CA THR A 183 8.96 20.39 -0.69
C THR A 183 7.46 20.10 -0.62
N SER A 184 6.81 20.59 0.44
CA SER A 184 5.36 20.54 0.52
C SER A 184 4.82 21.74 -0.25
N VAL A 185 3.54 21.66 -0.64
CA VAL A 185 2.98 22.70 -1.51
C VAL A 185 1.60 23.18 -1.04
N TRP A 186 1.42 24.50 -1.05
CA TRP A 186 0.10 25.09 -0.85
C TRP A 186 -0.41 25.57 -2.20
N TYR A 187 -1.69 25.30 -2.48
CA TYR A 187 -2.22 25.44 -3.83
C TYR A 187 -3.61 26.05 -3.80
N HIS A 188 -3.72 27.32 -4.21
CA HIS A 188 -5.00 28.02 -4.16
C HIS A 188 -5.55 28.34 -5.55
N ILE A 189 -6.74 27.85 -5.84
CA ILE A 189 -7.37 28.09 -7.13
C ILE A 189 -8.10 29.43 -7.14
N HIS A 190 -7.48 30.43 -7.77
CA HIS A 190 -8.04 31.77 -7.83
C HIS A 190 -9.21 31.81 -8.82
N GLN A 191 -9.03 31.21 -9.98
CA GLN A 191 -10.06 31.13 -11.01
C GLN A 191 -9.92 29.83 -11.79
N GLY A 192 -11.05 29.14 -12.01
CA GLY A 192 -11.04 27.91 -12.76
C GLY A 192 -11.12 26.67 -11.90
N GLY A 193 -10.39 25.62 -12.29
CA GLY A 193 -10.36 24.38 -11.55
C GLY A 193 -9.26 23.45 -12.02
N LYS A 194 -8.84 22.53 -11.16
CA LYS A 194 -7.78 21.58 -11.49
C LYS A 194 -8.19 20.15 -11.15
N VAL A 195 -7.59 19.19 -11.85
CA VAL A 195 -7.83 17.78 -11.58
C VAL A 195 -6.52 17.08 -11.21
N PHE A 196 -6.46 16.54 -9.99
CA PHE A 196 -5.25 15.94 -9.46
C PHE A 196 -5.31 14.41 -9.35
N TRP A 197 -4.24 13.76 -9.79
CA TRP A 197 -4.02 12.34 -9.52
C TRP A 197 -2.97 12.23 -8.41
N LEU A 198 -3.36 11.64 -7.28
CA LEU A 198 -2.48 11.59 -6.12
C LEU A 198 -1.95 10.19 -5.85
N ILE A 199 -0.65 10.10 -5.55
CA ILE A 199 -0.03 8.84 -5.18
C ILE A 199 0.80 9.00 -3.91
N PRO A 200 0.53 8.16 -2.90
CA PRO A 200 1.25 8.23 -1.62
C PRO A 200 2.72 7.86 -1.78
N PRO A 201 3.60 8.57 -1.08
CA PRO A 201 5.05 8.34 -1.19
C PRO A 201 5.53 7.12 -0.40
N THR A 202 4.91 5.97 -0.63
CA THR A 202 5.38 4.73 -0.02
C THR A 202 6.72 4.34 -0.63
N ALA A 203 7.41 3.40 0.01
CA ALA A 203 8.71 2.95 -0.47
C ALA A 203 8.60 2.32 -1.86
N HIS A 204 7.54 1.53 -2.05
CA HIS A 204 7.30 0.85 -3.32
C HIS A 204 6.97 1.83 -4.45
N ASN A 205 6.19 2.86 -4.13
CA ASN A 205 5.78 3.84 -5.13
C ASN A 205 6.91 4.78 -5.52
N LEU A 206 7.73 5.15 -4.55
CA LEU A 206 8.90 6.00 -4.82
C LEU A 206 9.87 5.26 -5.73
N GLU A 207 10.00 3.96 -5.51
CA GLU A 207 10.86 3.11 -6.33
C GLU A 207 10.24 2.97 -7.72
N LEU A 208 8.92 2.82 -7.76
CA LEU A 208 8.18 2.77 -9.02
C LEU A 208 8.33 4.08 -9.78
N TYR A 209 8.25 5.19 -9.05
CA TYR A 209 8.39 6.52 -9.62
C TYR A 209 9.77 6.75 -10.22
N GLU A 210 10.81 6.36 -9.48
CA GLU A 210 12.19 6.57 -9.92
C GLU A 210 12.50 5.76 -11.17
N ASN A 211 12.13 4.48 -11.17
CA ASN A 211 12.32 3.63 -12.33
C ASN A 211 11.51 4.13 -13.52
N TRP A 212 10.36 4.73 -13.22
CA TRP A 212 9.51 5.32 -14.24
C TRP A 212 10.22 6.50 -14.90
N LEU A 213 11.00 7.23 -14.12
CA LEU A 213 11.81 8.32 -14.66
C LEU A 213 12.94 7.77 -15.53
N LEU A 214 13.73 6.87 -14.96
CA LEU A 214 14.87 6.29 -15.68
C LEU A 214 14.39 5.51 -16.90
N SER A 215 13.19 4.96 -16.83
CA SER A 215 12.58 4.27 -17.96
C SER A 215 12.53 5.16 -19.21
N GLY A 216 12.22 6.44 -19.01
CA GLY A 216 12.14 7.38 -20.10
C GLY A 216 10.80 7.32 -20.82
N LYS A 217 10.04 6.26 -20.59
CA LYS A 217 8.74 6.08 -21.22
C LYS A 217 7.59 6.63 -20.36
N GLN A 218 7.76 7.86 -19.90
CA GLN A 218 6.79 8.52 -19.04
C GLN A 218 5.57 8.97 -19.84
N GLY A 219 5.73 9.04 -21.16
CA GLY A 219 4.65 9.40 -22.04
C GLY A 219 3.95 8.20 -22.64
N ASP A 220 4.33 7.02 -22.19
CA ASP A 220 3.75 5.78 -22.68
C ASP A 220 3.08 5.00 -21.55
N ILE A 221 3.17 5.54 -20.33
CA ILE A 221 2.65 4.86 -19.14
C ILE A 221 2.00 5.86 -18.19
N PHE A 222 0.72 5.64 -17.89
CA PHE A 222 0.05 6.44 -16.88
C PHE A 222 0.37 5.87 -15.50
N LEU A 223 1.15 6.63 -14.73
CA LEU A 223 1.72 6.13 -13.48
C LEU A 223 0.67 5.75 -12.44
N GLY A 224 -0.49 6.40 -12.52
CA GLY A 224 -1.57 6.11 -11.59
C GLY A 224 -2.18 4.74 -11.79
N ASP A 225 -1.94 4.16 -12.98
CA ASP A 225 -2.46 2.84 -13.28
C ASP A 225 -1.61 1.70 -12.71
N ARG A 226 -0.33 1.93 -12.49
CA ARG A 226 0.50 0.82 -11.98
C ARG A 226 0.88 0.97 -10.52
N VAL A 227 0.03 1.64 -9.75
CA VAL A 227 0.12 1.63 -8.30
C VAL A 227 -1.19 1.07 -7.76
N SER A 228 -1.15 0.57 -6.53
CA SER A 228 -2.32 -0.07 -5.92
C SER A 228 -3.40 0.95 -5.54
N ASP A 229 -2.99 2.11 -5.06
CA ASP A 229 -3.93 3.11 -4.59
C ASP A 229 -3.63 4.51 -5.13
N CYS A 230 -4.55 5.04 -5.94
CA CYS A 230 -4.44 6.39 -6.46
C CYS A 230 -5.78 7.10 -6.37
N GLN A 231 -5.75 8.40 -6.07
CA GLN A 231 -6.98 9.17 -5.97
C GLN A 231 -7.01 10.31 -6.98
N ARG A 232 -8.10 10.39 -7.73
CA ARG A 232 -8.32 11.53 -8.62
C ARG A 232 -9.29 12.49 -7.94
N ILE A 233 -8.79 13.69 -7.65
CA ILE A 233 -9.57 14.68 -6.91
C ILE A 233 -9.71 15.95 -7.71
N GLU A 234 -10.92 16.50 -7.73
CA GLU A 234 -11.15 17.74 -8.47
C GLU A 234 -11.14 18.95 -7.55
N LEU A 235 -10.31 19.93 -7.89
CA LEU A 235 -10.21 21.17 -7.13
C LEU A 235 -11.03 22.26 -7.80
N LYS A 236 -11.86 22.93 -7.00
CA LYS A 236 -12.73 23.97 -7.52
C LYS A 236 -12.24 25.38 -7.17
N GLN A 237 -12.89 26.39 -7.72
CA GLN A 237 -12.51 27.77 -7.49
C GLN A 237 -12.74 28.18 -6.04
N GLY A 238 -11.70 28.74 -5.42
CA GLY A 238 -11.77 29.13 -4.02
C GLY A 238 -11.12 28.10 -3.11
N TYR A 239 -10.90 26.89 -3.65
CA TYR A 239 -10.27 25.83 -2.88
C TYR A 239 -8.79 26.10 -2.62
N THR A 240 -8.32 25.69 -1.44
CA THR A 240 -6.90 25.72 -1.15
C THR A 240 -6.42 24.29 -0.93
N PHE A 241 -5.33 23.91 -1.60
CA PHE A 241 -4.85 22.54 -1.56
C PHE A 241 -3.42 22.48 -1.00
N VAL A 242 -3.21 21.60 -0.02
CA VAL A 242 -1.91 21.43 0.60
C VAL A 242 -1.35 20.04 0.34
N ILE A 243 -0.25 19.98 -0.42
CA ILE A 243 0.37 18.70 -0.77
C ILE A 243 1.55 18.38 0.15
N PRO A 244 1.47 17.24 0.85
CA PRO A 244 2.56 16.80 1.73
C PRO A 244 3.82 16.43 0.94
N SER A 245 4.94 16.31 1.64
CA SER A 245 6.22 16.01 1.00
C SER A 245 6.24 14.63 0.36
N GLY A 246 6.74 14.57 -0.87
CA GLY A 246 7.00 13.30 -1.54
C GLY A 246 5.86 12.74 -2.35
N TRP A 247 4.68 13.34 -2.23
CA TRP A 247 3.48 12.84 -2.91
C TRP A 247 3.56 13.03 -4.43
N ILE A 248 3.51 11.90 -5.14
CA ILE A 248 3.53 11.91 -6.60
C ILE A 248 2.17 12.33 -7.16
N HIS A 249 2.16 13.34 -8.01
CA HIS A 249 0.90 13.84 -8.56
C HIS A 249 0.99 14.33 -10.00
N ALA A 250 -0.08 14.11 -10.74
CA ALA A 250 -0.26 14.69 -12.07
C ALA A 250 -1.46 15.63 -12.02
N VAL A 251 -1.53 16.57 -12.96
CA VAL A 251 -2.58 17.58 -12.92
C VAL A 251 -3.14 17.87 -14.31
N TYR A 252 -4.46 17.99 -14.38
CA TYR A 252 -5.14 18.35 -15.63
C TYR A 252 -5.93 19.64 -15.46
N THR A 253 -6.04 20.39 -16.56
CA THR A 253 -6.74 21.66 -16.54
C THR A 253 -7.99 21.59 -17.43
N PRO A 254 -9.17 21.43 -16.80
CA PRO A 254 -10.44 21.28 -17.52
C PRO A 254 -10.98 22.60 -18.06
N THR A 255 -10.35 23.71 -17.69
CA THR A 255 -10.77 25.03 -18.12
C THR A 255 -9.66 26.05 -17.84
N ASP A 256 -9.71 27.21 -18.49
CA ASP A 256 -8.70 28.24 -18.28
C ASP A 256 -8.64 28.61 -16.79
N THR A 257 -7.49 28.37 -16.17
CA THR A 257 -7.35 28.54 -14.73
CA THR A 257 -7.35 28.52 -14.73
C THR A 257 -6.23 29.49 -14.33
N LEU A 258 -6.43 30.16 -13.19
CA LEU A 258 -5.42 31.04 -12.62
C LEU A 258 -5.14 30.60 -11.19
N VAL A 259 -3.93 30.11 -10.93
CA VAL A 259 -3.60 29.57 -9.62
C VAL A 259 -2.42 30.27 -8.97
N PHE A 260 -2.53 30.53 -7.67
CA PHE A 260 -1.43 31.05 -6.88
C PHE A 260 -1.03 30.00 -5.84
N GLY A 261 0.27 29.76 -5.72
CA GLY A 261 0.76 28.76 -4.79
C GLY A 261 2.24 28.90 -4.51
N GLY A 262 2.77 27.99 -3.70
CA GLY A 262 4.17 28.02 -3.34
C GLY A 262 4.64 26.74 -2.68
N ASN A 263 5.96 26.60 -2.58
CA ASN A 263 6.57 25.44 -1.93
C ASN A 263 7.27 25.85 -0.64
N PHE A 264 7.59 24.87 0.19
CA PHE A 264 8.29 25.14 1.44
C PHE A 264 8.82 23.88 2.09
N LEU A 265 9.95 24.02 2.78
CA LEU A 265 10.52 22.95 3.58
C LEU A 265 10.20 23.18 5.05
N HIS A 266 9.96 22.11 5.79
CA HIS A 266 9.67 22.23 7.21
C HIS A 266 10.38 21.14 8.02
N SER A 267 10.30 21.22 9.34
CA SER A 267 11.09 20.37 10.22
C SER A 267 10.36 19.10 10.64
N PHE A 268 9.19 18.86 10.06
CA PHE A 268 8.33 17.78 10.53
C PHE A 268 8.27 16.60 9.56
N ASN A 269 9.09 16.64 8.52
CA ASN A 269 9.25 15.51 7.63
C ASN A 269 10.53 15.61 6.83
N ILE A 270 11.63 15.85 7.54
CA ILE A 270 12.95 15.98 6.95
C ILE A 270 13.40 14.71 6.20
N PRO A 271 13.15 13.51 6.77
CA PRO A 271 13.58 12.28 6.10
C PRO A 271 13.05 12.15 4.66
N MET A 272 11.75 12.37 4.48
CA MET A 272 11.13 12.31 3.16
C MET A 272 11.69 13.38 2.23
N GLN A 273 12.00 14.54 2.80
CA GLN A 273 12.58 15.64 2.03
C GLN A 273 13.96 15.27 1.52
N LEU A 274 14.71 14.55 2.34
CA LEU A 274 16.02 14.05 1.95
C LEU A 274 15.89 12.89 0.96
N LYS A 275 14.83 12.10 1.13
CA LYS A 275 14.54 10.99 0.21
C LYS A 275 14.37 11.51 -1.21
N ILE A 276 13.52 12.52 -1.38
CA ILE A 276 13.21 13.08 -2.69
C ILE A 276 14.43 13.73 -3.32
N TYR A 277 15.29 14.32 -2.50
CA TYR A 277 16.50 14.98 -3.00
C TYR A 277 17.45 13.95 -3.63
N SER A 278 17.58 12.80 -3.00
CA SER A 278 18.46 11.75 -3.50
C SER A 278 17.92 11.15 -4.80
N ILE A 279 16.59 11.12 -4.93
CA ILE A 279 15.97 10.65 -6.15
C ILE A 279 16.31 11.59 -7.30
N GLU A 280 16.24 12.89 -7.02
CA GLU A 280 16.65 13.91 -7.99
C GLU A 280 18.11 13.70 -8.37
N ASP A 281 18.92 13.38 -7.37
CA ASP A 281 20.34 13.13 -7.57
C ASP A 281 20.57 11.95 -8.51
N ARG A 282 19.88 10.85 -8.23
CA ARG A 282 20.09 9.63 -9.00
C ARG A 282 19.48 9.69 -10.40
N THR A 283 18.46 10.52 -10.57
CA THR A 283 17.80 10.64 -11.87
C THR A 283 18.37 11.78 -12.71
N ARG A 284 19.41 12.43 -12.18
CA ARG A 284 20.14 13.44 -12.93
C ARG A 284 19.29 14.65 -13.31
N VAL A 285 18.43 15.08 -12.40
CA VAL A 285 17.64 16.29 -12.61
C VAL A 285 18.55 17.52 -12.62
N PRO A 286 18.49 18.31 -13.70
CA PRO A 286 19.29 19.55 -13.82
C PRO A 286 19.03 20.50 -12.66
N ASN A 287 20.05 21.24 -12.22
CA ASN A 287 19.94 22.08 -11.04
C ASN A 287 18.87 23.17 -11.15
N LYS A 288 18.52 23.56 -12.37
CA LYS A 288 17.57 24.64 -12.59
C LYS A 288 16.17 24.24 -12.12
N PHE A 289 15.90 22.95 -12.09
CA PHE A 289 14.59 22.45 -11.67
C PHE A 289 14.60 21.96 -10.22
N ARG A 290 15.62 22.35 -9.47
CA ARG A 290 15.77 21.88 -8.10
C ARG A 290 15.70 23.01 -7.08
N TYR A 291 15.51 22.64 -5.81
CA TYR A 291 15.46 23.59 -4.71
C TYR A 291 16.83 24.24 -4.51
N PRO A 292 16.90 25.56 -4.72
CA PRO A 292 18.16 26.31 -4.62
C PRO A 292 18.73 26.36 -3.20
N PHE A 293 20.03 26.14 -3.08
CA PHE A 293 20.71 26.20 -1.79
C PHE A 293 20.14 25.18 -0.80
N TYR A 294 19.88 23.96 -1.28
CA TYR A 294 19.23 22.93 -0.47
C TYR A 294 20.05 22.54 0.76
N TYR A 295 21.33 22.23 0.56
CA TYR A 295 22.17 21.79 1.66
C TYR A 295 22.61 22.95 2.55
N GLU A 296 22.75 24.13 1.95
CA GLU A 296 23.04 25.33 2.72
C GLU A 296 21.92 25.60 3.72
N MET A 297 20.68 25.47 3.26
CA MET A 297 19.51 25.61 4.11
C MET A 297 19.49 24.57 5.21
N CYS A 298 19.89 23.34 4.87
CA CYS A 298 19.95 22.25 5.84
C CYS A 298 20.94 22.56 6.96
N TRP A 299 22.09 23.10 6.60
CA TRP A 299 23.10 23.47 7.58
C TRP A 299 22.59 24.57 8.51
N TYR A 300 21.84 25.51 7.94
CA TYR A 300 21.28 26.62 8.70
C TYR A 300 20.20 26.15 9.67
N VAL A 301 19.50 25.08 9.30
CA VAL A 301 18.46 24.51 10.15
C VAL A 301 19.05 23.94 11.44
N LEU A 302 20.17 23.22 11.30
CA LEU A 302 20.85 22.62 12.44
C LEU A 302 21.33 23.69 13.41
N GLU A 303 21.79 24.81 12.87
CA GLU A 303 22.32 25.89 13.70
C GLU A 303 21.21 26.53 14.52
N ARG A 304 20.06 26.76 13.88
CA ARG A 304 18.93 27.40 14.55
C ARG A 304 18.44 26.57 15.74
N TYR A 305 18.27 25.27 15.53
CA TYR A 305 17.83 24.38 16.60
C TYR A 305 18.80 24.37 17.76
N VAL A 306 20.09 24.27 17.45
CA VAL A 306 21.11 24.21 18.49
C VAL A 306 21.13 25.50 19.32
N TYR A 307 20.99 26.63 18.64
CA TYR A 307 21.00 27.92 19.32
C TYR A 307 19.71 28.18 20.08
N CYS A 308 18.57 27.92 19.44
CA CYS A 308 17.27 28.15 20.05
C CYS A 308 17.05 27.27 21.28
N ILE A 309 17.85 26.21 21.42
CA ILE A 309 17.69 25.28 22.53
C ILE A 309 18.80 25.39 23.57
N THR A 310 20.05 25.50 23.10
CA THR A 310 21.19 25.52 24.01
C THR A 310 21.83 26.89 24.11
N ASN A 311 21.35 27.84 23.31
CA ASN A 311 21.86 29.20 23.30
C ASN A 311 23.30 29.28 22.82
N ARG A 312 23.78 28.24 22.14
CA ARG A 312 25.12 28.24 21.58
C ARG A 312 25.09 28.44 20.08
N SER A 313 25.67 29.54 19.62
CA SER A 313 25.65 29.89 18.21
C SER A 313 26.83 29.28 17.45
N HIS A 314 26.57 28.81 16.24
CA HIS A 314 27.61 28.26 15.38
C HIS A 314 27.71 29.07 14.09
N LEU A 315 27.20 30.29 14.13
CA LEU A 315 27.38 31.24 13.04
C LEU A 315 28.67 32.02 13.28
N THR A 316 29.18 32.63 12.21
CA THR A 316 30.35 33.50 12.33
C THR A 316 30.00 34.73 13.16
N LYS A 317 31.02 35.42 13.66
CA LYS A 317 30.81 36.63 14.44
C LYS A 317 30.05 37.70 13.64
N ASP A 318 30.40 37.83 12.37
CA ASP A 318 29.74 38.80 11.49
C ASP A 318 28.26 38.47 11.29
N PHE A 319 27.96 37.19 11.14
CA PHE A 319 26.58 36.76 10.95
C PHE A 319 25.76 36.92 12.23
N GLN A 320 26.41 36.71 13.37
CA GLN A 320 25.75 36.89 14.65
C GLN A 320 25.39 38.35 14.87
N LYS A 321 26.27 39.24 14.44
CA LYS A 321 26.04 40.67 14.58
C LYS A 321 24.97 41.16 13.59
N GLU A 322 24.93 40.53 12.41
CA GLU A 322 23.91 40.85 11.41
C GLU A 322 22.52 40.53 11.96
N SER A 323 22.42 39.39 12.65
CA SER A 323 21.16 38.98 13.26
C SER A 323 20.83 39.84 14.47
N LEU A 324 21.84 40.15 15.26
CA LEU A 324 21.66 40.95 16.47
C LEU A 324 21.19 42.36 16.13
N SER A 325 21.69 42.88 15.01
CA SER A 325 21.30 44.20 14.53
C SER A 325 19.83 44.22 14.11
N MET A 326 19.32 43.08 13.65
CA MET A 326 17.95 43.00 13.19
C MET A 326 17.00 42.73 14.35
N ASP A 327 17.53 42.19 15.44
CA ASP A 327 16.76 41.97 16.65
C ASP A 327 16.44 43.30 17.34
N MET A 328 17.27 44.30 17.08
CA MET A 328 17.11 45.61 17.69
C MET A 328 16.28 46.56 16.84
N GLU A 329 15.63 46.02 15.81
CA GLU A 329 14.74 46.81 14.97
C GLU A 329 13.35 46.91 15.59
N GLN B 1 14.27 21.41 30.22
CA GLN B 1 14.11 20.35 29.22
C GLN B 1 12.98 20.69 28.27
N VAL B 2 13.34 21.10 27.05
CA VAL B 2 12.33 21.35 26.02
C VAL B 2 11.81 20.02 25.53
N HIS B 3 10.72 20.03 24.79
CA HIS B 3 10.14 18.79 24.30
C HIS B 3 9.88 18.85 22.81
N LEU B 4 10.72 18.15 22.04
CA LEU B 4 10.55 18.03 20.60
C LEU B 4 9.65 16.86 20.25
N THR B 5 8.85 17.02 19.20
CA THR B 5 8.04 15.94 18.68
C THR B 5 8.94 14.85 18.13
N HIS B 6 8.44 13.63 18.04
CA HIS B 6 9.22 12.52 17.48
C HIS B 6 9.50 12.78 16.00
N PHE B 7 8.64 13.58 15.37
CA PHE B 7 8.84 13.96 13.97
C PHE B 7 10.16 14.73 13.82
N GLU B 8 10.44 15.60 14.78
CA GLU B 8 11.61 16.47 14.73
C GLU B 8 12.88 15.74 15.16
N LEU B 9 12.77 14.92 16.19
CA LEU B 9 13.92 14.14 16.66
C LEU B 9 14.39 13.19 15.58
N GLU B 10 13.43 12.56 14.91
CA GLU B 10 13.73 11.62 13.83
C GLU B 10 14.32 12.36 12.63
N GLY B 11 13.81 13.55 12.35
CA GLY B 11 14.28 14.34 11.23
C GLY B 11 15.66 14.90 11.43
N LEU B 12 15.90 15.48 12.61
CA LEU B 12 17.21 16.04 12.94
C LEU B 12 18.30 14.98 12.88
N ARG B 13 17.95 13.75 13.27
CA ARG B 13 18.90 12.63 13.23
C ARG B 13 19.36 12.37 11.79
N CYS B 14 18.40 12.31 10.87
CA CYS B 14 18.70 12.05 9.47
C CYS B 14 19.47 13.20 8.84
N LEU B 15 19.24 14.42 9.35
CA LEU B 15 19.91 15.60 8.83
C LEU B 15 21.39 15.58 9.14
N VAL B 16 21.73 15.38 10.41
CA VAL B 16 23.11 15.41 10.84
C VAL B 16 23.88 14.22 10.25
N ASP B 17 23.24 13.06 10.19
CA ASP B 17 23.85 11.89 9.57
C ASP B 17 24.12 12.13 8.09
N LYS B 18 23.24 12.91 7.47
CA LYS B 18 23.36 13.25 6.05
C LYS B 18 24.46 14.29 5.79
N LEU B 19 24.38 15.42 6.50
CA LEU B 19 25.32 16.51 6.30
C LEU B 19 26.74 16.13 6.74
N GLU B 20 26.82 15.24 7.72
CA GLU B 20 28.10 14.78 8.24
C GLU B 20 28.88 13.91 7.26
N SER B 21 28.15 13.16 6.44
CA SER B 21 28.78 12.17 5.58
C SER B 21 28.89 12.60 4.12
N LEU B 22 28.52 13.86 3.84
CA LEU B 22 28.72 14.40 2.49
C LEU B 22 30.21 14.71 2.28
N PRO B 23 30.73 14.35 1.11
CA PRO B 23 32.12 14.70 0.78
C PRO B 23 32.29 16.22 0.71
N LEU B 24 33.53 16.69 0.80
CA LEU B 24 33.82 18.12 0.83
C LEU B 24 33.24 18.87 -0.36
N HIS B 25 33.30 18.25 -1.53
CA HIS B 25 32.85 18.89 -2.75
C HIS B 25 31.33 18.83 -2.89
N LYS B 26 30.67 18.24 -1.91
CA LYS B 26 29.21 18.11 -1.94
C LYS B 26 28.56 18.59 -0.64
N LYS B 27 29.37 19.02 0.32
CA LYS B 27 28.87 19.39 1.63
C LYS B 27 28.06 20.69 1.61
N CYS B 28 28.54 21.66 0.84
CA CYS B 28 27.83 22.93 0.67
C CYS B 28 27.65 23.69 1.98
N VAL B 29 28.70 23.74 2.80
CA VAL B 29 28.64 24.51 4.03
C VAL B 29 28.47 25.99 3.72
N PRO B 30 27.39 26.59 4.21
CA PRO B 30 27.08 27.99 3.91
C PRO B 30 28.12 28.95 4.46
N THR B 31 28.13 30.18 3.96
CA THR B 31 29.15 31.16 4.34
C THR B 31 28.98 31.61 5.79
N GLY B 32 27.78 31.46 6.32
CA GLY B 32 27.47 31.92 7.66
C GLY B 32 27.91 30.98 8.78
N ILE B 33 28.24 29.75 8.42
CA ILE B 33 28.65 28.76 9.42
C ILE B 33 30.14 28.85 9.73
N GLU B 34 30.49 28.76 11.00
CA GLU B 34 31.88 28.86 11.43
C GLU B 34 32.56 27.50 11.48
N ASP B 35 32.18 26.69 12.46
CA ASP B 35 32.75 25.35 12.63
C ASP B 35 31.67 24.28 12.44
N GLU B 36 31.54 23.77 11.22
CA GLU B 36 30.51 22.77 10.91
C GLU B 36 30.73 21.47 11.66
N ASP B 37 32.00 21.16 11.96
CA ASP B 37 32.32 19.96 12.71
C ASP B 37 31.82 20.09 14.15
N ALA B 38 31.99 21.28 14.72
CA ALA B 38 31.56 21.54 16.09
C ALA B 38 30.03 21.56 16.15
N LEU B 39 29.41 22.12 15.13
CA LEU B 39 27.95 22.16 15.04
C LEU B 39 27.37 20.76 15.03
N ILE B 40 27.97 19.87 14.23
CA ILE B 40 27.55 18.48 14.16
C ILE B 40 27.65 17.80 15.52
N ALA B 41 28.72 18.11 16.24
CA ALA B 41 28.96 17.52 17.56
C ALA B 41 27.88 17.91 18.56
N ASP B 42 27.53 19.20 18.57
CA ASP B 42 26.53 19.70 19.50
C ASP B 42 25.13 19.15 19.21
N VAL B 43 24.86 18.88 17.93
CA VAL B 43 23.57 18.35 17.53
C VAL B 43 23.37 16.94 18.09
N LYS B 44 24.41 16.13 18.04
CA LYS B 44 24.35 14.77 18.56
C LYS B 44 24.16 14.78 20.08
N ILE B 45 24.83 15.72 20.75
CA ILE B 45 24.65 15.91 22.18
C ILE B 45 23.22 16.33 22.48
N LEU B 46 22.73 17.30 21.70
CA LEU B 46 21.38 17.82 21.85
C LEU B 46 20.33 16.73 21.71
N LEU B 47 20.48 15.91 20.67
CA LEU B 47 19.55 14.84 20.38
C LEU B 47 19.61 13.74 21.44
N GLU B 48 20.79 13.53 22.01
CA GLU B 48 20.97 12.55 23.07
C GLU B 48 20.19 12.96 24.30
N GLU B 49 20.26 14.24 24.64
CA GLU B 49 19.60 14.77 25.83
C GLU B 49 18.10 14.95 25.62
N LEU B 50 17.69 15.10 24.36
CA LEU B 50 16.28 15.31 24.02
C LEU B 50 15.61 14.00 23.61
N ALA B 51 16.33 12.89 23.77
CA ALA B 51 15.87 11.59 23.30
C ALA B 51 14.58 11.15 24.01
N SER B 52 14.39 11.60 25.24
CA SER B 52 13.23 11.18 26.03
C SER B 52 12.22 12.31 26.20
N SER B 53 11.98 13.07 25.15
CA SER B 53 10.98 14.13 25.19
C SER B 53 9.58 13.55 25.29
N ASP B 54 8.76 14.13 26.17
CA ASP B 54 7.37 13.69 26.31
C ASP B 54 6.53 14.20 25.14
N PRO B 55 5.93 13.27 24.38
CA PRO B 55 5.14 13.57 23.18
C PRO B 55 4.02 14.58 23.45
N LYS B 56 3.37 14.46 24.60
CA LYS B 56 2.26 15.35 24.95
C LYS B 56 2.74 16.78 25.18
N LEU B 57 3.77 16.92 26.02
CA LEU B 57 4.32 18.23 26.35
C LEU B 57 4.99 18.88 25.14
N ALA B 58 5.19 18.11 24.08
CA ALA B 58 5.81 18.60 22.86
C ALA B 58 4.80 19.38 22.02
N LEU B 59 3.52 19.06 22.20
CA LEU B 59 2.45 19.73 21.48
C LEU B 59 2.14 21.09 22.10
N THR B 60 3.06 22.03 21.94
CA THR B 60 2.96 23.36 22.53
C THR B 60 2.13 24.31 21.67
N GLY B 61 2.05 24.02 20.38
CA GLY B 61 1.32 24.88 19.46
C GLY B 61 2.16 26.03 18.96
N VAL B 62 3.44 26.03 19.35
CA VAL B 62 4.37 27.05 18.91
C VAL B 62 5.73 26.42 18.60
N PRO B 63 6.34 26.83 17.48
CA PRO B 63 7.62 26.28 17.01
C PRO B 63 8.76 26.57 17.97
N ILE B 64 9.70 25.64 18.08
CA ILE B 64 10.89 25.84 18.90
C ILE B 64 11.82 26.84 18.23
N VAL B 65 11.75 26.91 16.90
CA VAL B 65 12.58 27.84 16.16
C VAL B 65 11.78 29.05 15.69
N GLN B 66 11.99 30.18 16.38
CA GLN B 66 11.37 31.44 16.00
C GLN B 66 12.37 32.58 16.20
N TRP B 67 12.18 33.68 15.47
CA TRP B 67 13.05 34.84 15.62
C TRP B 67 12.67 35.64 16.86
N PRO B 68 13.67 36.21 17.54
CA PRO B 68 13.46 36.99 18.76
C PRO B 68 12.54 38.19 18.55
N ARG C 1 -3.18 -10.13 25.92
CA ARG C 1 -1.85 -9.98 25.32
C ARG C 1 -1.05 -8.89 26.04
N THR C 2 0.25 -8.84 25.78
CA THR C 2 1.11 -7.84 26.38
C THR C 2 1.57 -6.80 25.37
N PHE C 3 1.57 -7.17 24.09
CA PHE C 3 1.97 -6.24 23.04
C PHE C 3 0.83 -5.30 22.69
N ASP C 4 1.17 -4.14 22.13
CA ASP C 4 0.18 -3.11 21.81
C ASP C 4 -0.30 -3.22 20.37
N LEU C 5 -1.48 -3.81 20.18
CA LEU C 5 -2.06 -4.01 18.86
C LEU C 5 -2.25 -2.68 18.12
N GLU C 6 -2.56 -1.63 18.89
CA GLU C 6 -2.84 -0.32 18.33
C GLU C 6 -1.66 0.24 17.53
N GLU C 7 -0.47 0.17 18.10
CA GLU C 7 0.73 0.67 17.42
C GLU C 7 1.08 -0.19 16.22
N LYS C 8 0.73 -1.47 16.30
CA LYS C 8 0.98 -2.41 15.21
C LYS C 8 0.16 -2.02 13.97
N LEU C 9 -0.85 -1.19 14.20
CA LEU C 9 -1.72 -0.71 13.12
C LEU C 9 -1.30 0.67 12.63
N GLN C 10 -0.52 1.37 13.45
CA GLN C 10 -0.10 2.74 13.14
C GLN C 10 1.26 2.79 12.44
N THR C 11 2.18 1.95 12.90
CA THR C 11 3.55 1.95 12.41
C THR C 11 3.64 1.72 10.92
N ASN C 12 4.74 2.18 10.32
CA ASN C 12 4.97 2.02 8.90
C ASN C 12 6.14 1.08 8.63
N LYS C 13 6.55 0.35 9.66
CA LYS C 13 7.69 -0.56 9.57
C LYS C 13 7.36 -1.80 8.75
N TYR C 14 6.07 -2.15 8.68
CA TYR C 14 5.64 -3.31 7.94
C TYR C 14 5.39 -2.93 6.48
N ASN C 15 6.42 -2.44 5.82
CA ASN C 15 6.30 -1.92 4.46
C ASN C 15 6.90 -2.84 3.40
N ALA C 16 6.92 -4.14 3.69
CA ALA C 16 7.37 -5.12 2.71
C ALA C 16 6.42 -5.14 1.53
N ASN C 17 6.92 -5.47 0.35
CA ASN C 17 6.10 -5.46 -0.84
C ASN C 17 5.93 -6.87 -1.42
N PHE C 18 4.99 -7.62 -0.85
CA PHE C 18 4.75 -9.01 -1.25
C PHE C 18 3.55 -9.14 -2.18
N VAL C 19 2.49 -8.40 -1.89
CA VAL C 19 1.22 -8.55 -2.60
C VAL C 19 1.24 -7.99 -4.01
N THR C 20 0.67 -8.76 -4.94
CA THR C 20 0.55 -8.34 -6.34
C THR C 20 -0.91 -8.02 -6.68
N PHE C 21 -1.14 -6.86 -7.28
CA PHE C 21 -2.48 -6.47 -7.70
C PHE C 21 -2.73 -6.89 -9.15
N MET C 22 -3.79 -7.65 -9.36
CA MET C 22 -4.04 -8.26 -10.67
C MET C 22 -5.42 -7.97 -11.24
N GLU C 23 -5.53 -8.16 -12.55
CA GLU C 23 -6.82 -8.14 -13.22
C GLU C 23 -7.40 -9.56 -13.22
N GLY C 24 -8.72 -9.66 -13.07
CA GLY C 24 -9.38 -10.95 -12.99
C GLY C 24 -9.14 -11.86 -14.17
N LYS C 25 -9.15 -11.30 -15.37
CA LYS C 25 -8.98 -12.09 -16.58
C LYS C 25 -7.53 -12.52 -16.79
N ASP C 26 -6.64 -12.07 -15.91
CA ASP C 26 -5.25 -12.50 -15.98
C ASP C 26 -5.00 -13.67 -15.03
N PHE C 27 -5.98 -13.96 -14.18
CA PHE C 27 -5.88 -15.04 -13.22
C PHE C 27 -6.44 -16.34 -13.79
N ASN C 28 -5.65 -16.99 -14.65
CA ASN C 28 -6.08 -18.23 -15.29
C ASN C 28 -5.12 -19.38 -15.01
N VAL C 29 -5.43 -20.55 -15.55
CA VAL C 29 -4.62 -21.75 -15.33
C VAL C 29 -3.17 -21.56 -15.79
N GLU C 30 -2.97 -20.83 -16.89
CA GLU C 30 -1.63 -20.59 -17.40
C GLU C 30 -0.79 -19.79 -16.41
N TYR C 31 -1.42 -18.83 -15.74
CA TYR C 31 -0.73 -18.02 -14.75
C TYR C 31 -0.20 -18.88 -13.60
N ILE C 32 -1.03 -19.82 -13.15
CA ILE C 32 -0.62 -20.74 -12.10
C ILE C 32 0.49 -21.66 -12.61
N GLN C 33 0.39 -22.06 -13.87
CA GLN C 33 1.42 -22.90 -14.47
C GLN C 33 2.74 -22.14 -14.61
N ARG C 34 2.64 -20.81 -14.73
CA ARG C 34 3.82 -19.97 -14.89
C ARG C 34 4.47 -19.62 -13.55
N GLY C 35 3.66 -19.34 -12.54
CA GLY C 35 4.16 -18.90 -11.26
C GLY C 35 3.99 -19.88 -10.11
N GLY C 36 3.07 -20.84 -10.29
CA GLY C 36 2.81 -21.82 -9.26
C GLY C 36 2.06 -21.25 -8.07
N LEU C 37 1.47 -20.08 -8.27
CA LEU C 37 0.72 -19.40 -7.21
C LEU C 37 1.58 -19.17 -5.97
N ARG C 38 2.70 -18.47 -6.14
CA ARG C 38 3.63 -18.23 -5.04
C ARG C 38 3.42 -16.85 -4.42
N ASP C 39 2.74 -15.97 -5.15
CA ASP C 39 2.57 -14.58 -4.72
C ASP C 39 1.15 -14.26 -4.28
N PRO C 40 1.02 -13.55 -3.16
CA PRO C 40 -0.27 -13.01 -2.69
C PRO C 40 -0.89 -12.10 -3.74
N LEU C 41 -2.16 -12.34 -4.06
CA LEU C 41 -2.83 -11.60 -5.12
C LEU C 41 -4.04 -10.84 -4.60
N ILE C 42 -4.22 -9.61 -5.08
CA ILE C 42 -5.38 -8.82 -4.73
C ILE C 42 -6.12 -8.35 -5.98
N PHE C 43 -7.42 -8.61 -6.02
CA PHE C 43 -8.27 -8.14 -7.11
C PHE C 43 -9.21 -7.06 -6.59
N LYS C 44 -8.91 -5.80 -6.93
CA LYS C 44 -9.67 -4.66 -6.42
C LYS C 44 -11.12 -4.69 -6.87
N ASN C 45 -11.38 -5.32 -8.01
CA ASN C 45 -12.75 -5.57 -8.45
C ASN C 45 -12.95 -7.01 -8.91
N SER C 46 -14.20 -7.38 -9.18
CA SER C 46 -14.55 -8.77 -9.46
C SER C 46 -14.47 -9.13 -10.95
N ASP C 47 -14.12 -8.17 -11.78
CA ASP C 47 -14.09 -8.37 -13.23
C ASP C 47 -13.20 -9.55 -13.64
N GLY C 48 -13.79 -10.50 -14.36
CA GLY C 48 -13.03 -11.61 -14.92
C GLY C 48 -12.82 -12.78 -13.96
N LEU C 49 -13.14 -12.57 -12.69
CA LEU C 49 -12.94 -13.60 -11.68
C LEU C 49 -13.97 -14.71 -11.77
N GLY C 50 -15.20 -14.35 -12.15
CA GLY C 50 -16.28 -15.31 -12.24
C GLY C 50 -16.83 -15.71 -10.89
N ILE C 51 -16.83 -14.77 -9.96
CA ILE C 51 -17.37 -15.01 -8.63
C ILE C 51 -18.83 -14.58 -8.54
N LYS C 52 -19.54 -15.16 -7.58
CA LYS C 52 -20.92 -14.78 -7.32
C LYS C 52 -21.11 -14.52 -5.84
N MET C 53 -21.75 -13.39 -5.53
CA MET C 53 -21.96 -13.00 -4.13
C MET C 53 -23.40 -12.62 -3.86
N PRO C 54 -23.84 -12.80 -2.59
CA PRO C 54 -25.18 -12.41 -2.15
C PRO C 54 -25.42 -10.91 -2.28
N ASP C 55 -26.63 -10.47 -1.96
CA ASP C 55 -26.97 -9.05 -2.01
C ASP C 55 -26.05 -8.24 -1.11
N PRO C 56 -25.55 -7.11 -1.63
CA PRO C 56 -24.64 -6.18 -0.95
C PRO C 56 -25.06 -5.86 0.49
N ASP C 57 -26.37 -5.88 0.76
CA ASP C 57 -26.87 -5.59 2.10
C ASP C 57 -27.25 -6.86 2.86
N PHE C 58 -26.60 -7.97 2.50
CA PHE C 58 -26.83 -9.25 3.16
C PHE C 58 -26.48 -9.15 4.64
N THR C 59 -27.40 -9.59 5.49
CA THR C 59 -27.19 -9.49 6.93
C THR C 59 -26.83 -10.84 7.54
N VAL C 60 -26.39 -10.81 8.79
CA VAL C 60 -26.05 -12.03 9.52
C VAL C 60 -27.30 -12.87 9.74
N ASN C 61 -28.43 -12.20 9.99
CA ASN C 61 -29.69 -12.89 10.17
C ASN C 61 -30.11 -13.64 8.91
N ASP C 62 -29.75 -13.09 7.76
CA ASP C 62 -29.96 -13.78 6.49
C ASP C 62 -29.10 -15.04 6.44
N VAL C 63 -27.88 -14.94 6.96
CA VAL C 63 -26.98 -16.09 7.05
C VAL C 63 -27.60 -17.16 7.92
N LYS C 64 -28.19 -16.75 9.03
CA LYS C 64 -28.85 -17.65 9.96
C LYS C 64 -30.03 -18.36 9.29
N MET C 65 -30.80 -17.61 8.51
CA MET C 65 -31.97 -18.16 7.84
C MET C 65 -31.59 -19.16 6.76
N CYS C 66 -30.43 -18.95 6.13
CA CYS C 66 -29.98 -19.80 5.03
C CYS C 66 -29.32 -21.08 5.51
N VAL C 67 -28.75 -21.05 6.71
CA VAL C 67 -28.06 -22.22 7.24
C VAL C 67 -28.88 -22.94 8.31
N GLY C 68 -29.78 -22.19 8.96
CA GLY C 68 -30.59 -22.75 10.01
C GLY C 68 -30.31 -22.08 11.35
N SER C 69 -31.38 -21.76 12.07
CA SER C 69 -31.27 -21.05 13.34
C SER C 69 -30.58 -21.87 14.42
N ARG C 70 -30.63 -23.19 14.28
CA ARG C 70 -30.09 -24.10 15.28
C ARG C 70 -28.74 -24.69 14.89
N ARG C 71 -28.20 -24.21 13.78
CA ARG C 71 -26.86 -24.62 13.34
C ARG C 71 -25.80 -24.20 14.34
N MET C 72 -25.13 -25.18 14.95
CA MET C 72 -24.05 -24.90 15.88
C MET C 72 -22.85 -24.34 15.13
N VAL C 73 -22.26 -23.28 15.69
CA VAL C 73 -21.13 -22.63 15.04
C VAL C 73 -19.94 -22.50 15.99
N ASP C 74 -18.74 -22.61 15.43
CA ASP C 74 -17.52 -22.44 16.21
C ASP C 74 -17.18 -20.95 16.32
N VAL C 75 -17.22 -20.44 17.54
CA VAL C 75 -16.94 -19.03 17.79
C VAL C 75 -15.60 -18.86 18.50
N MET C 76 -14.90 -17.78 18.21
CA MET C 76 -13.60 -17.53 18.82
C MET C 76 -13.66 -16.41 19.84
N ASP C 77 -13.13 -16.67 21.03
CA ASP C 77 -12.92 -15.64 22.03
C ASP C 77 -11.65 -14.90 21.69
N VAL C 78 -11.80 -13.65 21.23
CA VAL C 78 -10.68 -12.85 20.75
C VAL C 78 -9.58 -12.69 21.79
N ASN C 79 -9.96 -12.41 23.03
CA ASN C 79 -9.00 -12.17 24.11
C ASN C 79 -8.09 -13.36 24.38
N THR C 80 -8.63 -14.56 24.26
CA THR C 80 -7.87 -15.77 24.58
C THR C 80 -7.50 -16.59 23.35
N GLN C 81 -8.11 -16.25 22.22
CA GLN C 81 -7.90 -16.98 20.98
C GLN C 81 -8.35 -18.43 21.10
N LYS C 82 -9.12 -18.72 22.15
CA LYS C 82 -9.68 -20.03 22.35
C LYS C 82 -10.95 -20.19 21.52
N GLY C 83 -11.62 -21.33 21.68
CA GLY C 83 -12.83 -21.59 20.90
C GLY C 83 -14.02 -22.00 21.74
N ILE C 84 -15.16 -21.40 21.45
CA ILE C 84 -16.42 -21.78 22.07
C ILE C 84 -17.44 -22.13 21.00
N GLU C 85 -18.67 -22.39 21.41
CA GLU C 85 -19.68 -22.89 20.48
C GLU C 85 -21.09 -22.42 20.85
N MET C 86 -21.81 -21.90 19.85
CA MET C 86 -23.18 -21.45 20.05
C MET C 86 -23.98 -21.59 18.76
N THR C 87 -25.32 -21.52 18.88
CA THR C 87 -26.18 -21.59 17.70
C THR C 87 -26.12 -20.29 16.91
N MET C 88 -26.47 -20.36 15.63
CA MET C 88 -26.48 -19.18 14.78
C MET C 88 -27.46 -18.12 15.30
N ALA C 89 -28.57 -18.58 15.85
CA ALA C 89 -29.57 -17.70 16.45
C ALA C 89 -28.95 -16.90 17.60
N GLN C 90 -28.14 -17.58 18.41
CA GLN C 90 -27.44 -16.90 19.49
C GLN C 90 -26.36 -15.96 18.94
N TRP C 91 -25.66 -16.42 17.91
CA TRP C 91 -24.60 -15.61 17.30
C TRP C 91 -25.16 -14.35 16.65
N THR C 92 -26.27 -14.52 15.93
CA THR C 92 -26.97 -13.40 15.31
C THR C 92 -27.38 -12.39 16.37
N ARG C 93 -27.85 -12.91 17.50
CA ARG C 93 -28.26 -12.11 18.65
C ARG C 93 -27.09 -11.26 19.14
N TYR C 94 -25.93 -11.89 19.28
CA TYR C 94 -24.72 -11.20 19.70
C TYR C 94 -24.26 -10.17 18.67
N TYR C 95 -24.26 -10.55 17.40
CA TYR C 95 -23.80 -9.68 16.33
C TYR C 95 -24.69 -8.45 16.19
N GLU C 96 -25.99 -8.63 16.41
CA GLU C 96 -26.95 -7.54 16.26
C GLU C 96 -26.94 -6.60 17.46
N THR C 97 -26.31 -7.03 18.55
CA THR C 97 -26.15 -6.19 19.72
C THR C 97 -25.26 -5.00 19.38
N PRO C 98 -25.72 -3.79 19.72
CA PRO C 98 -24.98 -2.55 19.49
C PRO C 98 -23.54 -2.63 19.99
N GLU C 99 -22.63 -1.92 19.31
CA GLU C 99 -21.20 -2.08 19.53
C GLU C 99 -20.77 -1.81 20.97
N GLU C 100 -21.41 -0.83 21.61
CA GLU C 100 -21.02 -0.43 22.96
C GLU C 100 -21.63 -1.30 24.05
N GLU C 101 -22.45 -2.27 23.66
CA GLU C 101 -23.15 -3.10 24.64
C GLU C 101 -22.60 -4.53 24.72
N ARG C 102 -21.85 -4.94 23.71
CA ARG C 102 -21.29 -6.30 23.68
C ARG C 102 -20.35 -6.53 24.85
N GLU C 103 -20.67 -7.50 25.69
CA GLU C 103 -19.86 -7.80 26.88
C GLU C 103 -18.49 -8.35 26.50
N LYS C 104 -18.35 -8.81 25.27
CA LYS C 104 -17.12 -9.48 24.86
C LYS C 104 -16.88 -9.41 23.35
N LEU C 105 -15.65 -9.68 22.93
CA LEU C 105 -15.32 -9.74 21.50
C LEU C 105 -15.32 -11.18 21.00
N TYR C 106 -16.20 -11.45 20.04
CA TYR C 106 -16.31 -12.78 19.44
C TYR C 106 -16.08 -12.73 17.94
N ASN C 107 -15.57 -13.82 17.39
CA ASN C 107 -15.27 -13.91 15.97
C ASN C 107 -15.66 -15.27 15.39
N VAL C 108 -16.40 -15.25 14.30
CA VAL C 108 -16.77 -16.48 13.60
C VAL C 108 -16.04 -16.57 12.26
N ILE C 109 -15.07 -17.47 12.18
CA ILE C 109 -14.25 -17.60 10.98
C ILE C 109 -14.30 -19.01 10.41
N SER C 110 -15.19 -19.84 10.96
CA SER C 110 -15.20 -21.24 10.58
C SER C 110 -16.61 -21.79 10.28
N LEU C 111 -17.46 -20.94 9.71
CA LEU C 111 -18.78 -21.38 9.30
C LEU C 111 -18.79 -21.88 7.85
N GLU C 112 -18.59 -23.19 7.68
CA GLU C 112 -18.62 -23.80 6.36
C GLU C 112 -20.06 -24.11 5.97
N PHE C 113 -20.56 -23.43 4.94
CA PHE C 113 -21.98 -23.50 4.61
C PHE C 113 -22.27 -24.31 3.33
N SER C 114 -21.38 -25.22 2.97
CA SER C 114 -21.64 -26.12 1.86
C SER C 114 -22.82 -27.02 2.19
N HIS C 115 -23.67 -27.27 1.20
CA HIS C 115 -24.85 -28.13 1.36
C HIS C 115 -25.90 -27.46 2.24
N THR C 116 -25.90 -26.13 2.21
CA THR C 116 -26.98 -25.35 2.80
C THR C 116 -27.59 -24.47 1.73
N ARG C 117 -28.60 -23.68 2.11
CA ARG C 117 -29.24 -22.79 1.17
C ARG C 117 -28.30 -21.67 0.74
N LEU C 118 -27.27 -21.43 1.54
CA LEU C 118 -26.30 -20.39 1.26
C LEU C 118 -25.32 -20.79 0.16
N GLU C 119 -25.20 -22.11 -0.06
CA GLU C 119 -24.21 -22.69 -0.97
C GLU C 119 -24.19 -22.07 -2.36
N ASN C 120 -25.36 -22.02 -3.00
CA ASN C 120 -25.46 -21.57 -4.38
C ASN C 120 -25.51 -20.05 -4.54
N MET C 121 -25.40 -19.34 -3.42
CA MET C 121 -25.37 -17.89 -3.45
C MET C 121 -23.95 -17.36 -3.57
N VAL C 122 -22.99 -18.20 -3.18
CA VAL C 122 -21.59 -17.81 -3.20
C VAL C 122 -20.79 -18.73 -4.13
N GLN C 123 -20.10 -18.14 -5.09
CA GLN C 123 -19.31 -18.93 -6.04
C GLN C 123 -17.85 -18.51 -6.06
N ARG C 124 -16.98 -19.52 -6.03
CA ARG C 124 -15.54 -19.35 -6.05
C ARG C 124 -15.07 -18.71 -7.34
N PRO C 125 -13.89 -18.08 -7.32
CA PRO C 125 -13.26 -17.65 -8.57
C PRO C 125 -13.05 -18.85 -9.48
N SER C 126 -13.46 -18.72 -10.74
CA SER C 126 -13.52 -19.85 -11.67
C SER C 126 -12.22 -20.64 -11.77
N THR C 127 -11.10 -19.94 -11.70
CA THR C 127 -9.78 -20.55 -11.80
C THR C 127 -9.54 -21.58 -10.71
N VAL C 128 -10.06 -21.31 -9.51
CA VAL C 128 -9.86 -22.21 -8.38
C VAL C 128 -10.49 -23.58 -8.64
N ASP C 129 -11.58 -23.60 -9.40
CA ASP C 129 -12.27 -24.84 -9.71
C ASP C 129 -11.42 -25.77 -10.57
N PHE C 130 -10.52 -25.19 -11.36
CA PHE C 130 -9.69 -25.96 -12.27
C PHE C 130 -8.50 -26.63 -11.57
N ILE C 131 -8.14 -26.14 -10.39
CA ILE C 131 -6.93 -26.62 -9.72
C ILE C 131 -7.20 -27.22 -8.34
N ASP C 132 -8.38 -26.95 -7.78
CA ASP C 132 -8.72 -27.45 -6.46
C ASP C 132 -8.75 -28.97 -6.42
N TRP C 133 -7.96 -29.55 -5.52
CA TRP C 133 -7.84 -31.00 -5.42
C TRP C 133 -9.17 -31.68 -5.11
N VAL C 134 -10.06 -30.98 -4.43
CA VAL C 134 -11.36 -31.55 -4.08
C VAL C 134 -12.23 -31.78 -5.31
N ASP C 135 -12.18 -30.84 -6.25
CA ASP C 135 -13.01 -30.90 -7.45
C ASP C 135 -12.41 -31.77 -8.55
N ASN C 136 -11.11 -32.04 -8.46
CA ASN C 136 -10.41 -32.74 -9.53
C ASN C 136 -9.76 -34.06 -9.11
N MET C 137 -9.58 -34.26 -7.81
CA MET C 137 -8.89 -35.45 -7.32
C MET C 137 -9.81 -36.42 -6.58
N TRP C 138 -10.61 -35.90 -5.66
CA TRP C 138 -11.48 -36.74 -4.83
C TRP C 138 -12.57 -37.40 -5.65
N PRO C 139 -12.83 -38.69 -5.38
CA PRO C 139 -13.88 -39.46 -6.05
C PRO C 139 -15.22 -38.73 -6.05
N ARG C 140 -15.76 -38.49 -7.23
CA ARG C 140 -16.94 -37.65 -7.40
C ARG C 140 -18.20 -38.21 -6.73
N HIS C 141 -18.39 -39.52 -6.79
CA HIS C 141 -19.59 -40.13 -6.21
C HIS C 141 -19.58 -40.01 -4.68
N LEU C 142 -18.39 -39.90 -4.09
CA LEU C 142 -18.28 -39.70 -2.66
C LEU C 142 -18.70 -38.30 -2.27
N LYS C 143 -18.16 -37.30 -2.98
CA LYS C 143 -18.47 -35.90 -2.71
C LYS C 143 -19.96 -35.60 -2.95
N GLU C 144 -20.52 -36.18 -4.00
CA GLU C 144 -21.92 -35.96 -4.35
C GLU C 144 -22.86 -36.61 -3.33
N SER C 145 -22.30 -37.46 -2.47
CA SER C 145 -23.09 -38.17 -1.47
C SER C 145 -23.23 -37.36 -0.19
N GLN C 146 -22.54 -36.23 -0.11
CA GLN C 146 -22.57 -35.38 1.07
C GLN C 146 -23.97 -34.79 1.31
N THR C 147 -24.48 -34.99 2.52
CA THR C 147 -25.78 -34.44 2.89
C THR C 147 -25.68 -33.55 4.12
N GLU C 148 -24.75 -33.89 5.01
CA GLU C 148 -24.54 -33.13 6.24
C GLU C 148 -23.96 -31.74 5.97
N SER C 149 -24.63 -30.72 6.50
CA SER C 149 -24.23 -29.34 6.26
C SER C 149 -23.17 -28.85 7.26
N THR C 150 -23.00 -29.59 8.35
CA THR C 150 -21.99 -29.25 9.34
C THR C 150 -20.71 -30.03 9.05
N ASN C 151 -19.65 -29.73 9.82
CA ASN C 151 -18.38 -30.41 9.64
C ASN C 151 -18.19 -31.57 10.60
N ALA C 152 -19.28 -32.26 10.94
CA ALA C 152 -19.20 -33.49 11.71
C ALA C 152 -18.37 -34.51 10.96
N ILE C 153 -17.33 -35.03 11.61
CA ILE C 153 -16.33 -35.86 10.92
C ILE C 153 -16.89 -37.21 10.46
N LEU C 154 -17.83 -37.77 11.21
CA LEU C 154 -18.36 -39.09 10.89
C LEU C 154 -19.28 -39.08 9.67
N GLU C 155 -19.84 -37.92 9.36
CA GLU C 155 -20.73 -37.80 8.21
C GLU C 155 -20.04 -37.16 7.02
N MET C 156 -18.79 -36.72 7.23
CA MET C 156 -18.05 -36.04 6.17
C MET C 156 -17.52 -37.01 5.12
N GLN C 157 -17.91 -36.81 3.87
CA GLN C 157 -17.53 -37.70 2.78
C GLN C 157 -16.40 -37.13 1.94
N TYR C 158 -15.93 -35.95 2.29
CA TYR C 158 -14.82 -35.31 1.58
C TYR C 158 -14.34 -34.10 2.37
N PRO C 159 -13.13 -33.61 2.05
CA PRO C 159 -12.58 -32.42 2.70
C PRO C 159 -13.52 -31.22 2.56
N LYS C 160 -14.45 -31.10 3.50
CA LYS C 160 -15.45 -30.03 3.48
C LYS C 160 -14.84 -28.72 3.97
N VAL C 161 -14.09 -28.06 3.10
CA VAL C 161 -13.39 -26.83 3.47
C VAL C 161 -13.39 -25.80 2.34
N GLN C 162 -14.41 -25.83 1.49
CA GLN C 162 -14.40 -25.01 0.28
C GLN C 162 -15.10 -23.66 0.44
N LYS C 163 -16.21 -23.63 1.15
CA LYS C 163 -16.98 -22.38 1.31
C LYS C 163 -17.16 -21.98 2.78
N TYR C 164 -16.55 -20.86 3.15
CA TYR C 164 -16.63 -20.37 4.53
C TYR C 164 -17.27 -18.98 4.60
N CYS C 165 -18.11 -18.77 5.61
CA CYS C 165 -18.62 -17.44 5.92
C CYS C 165 -17.99 -16.93 7.20
N LEU C 166 -17.26 -15.82 7.11
CA LEU C 166 -16.60 -15.25 8.27
C LEU C 166 -17.30 -13.96 8.72
N MET C 167 -17.79 -13.97 9.95
CA MET C 167 -18.48 -12.82 10.51
C MET C 167 -17.67 -12.24 11.68
N SER C 168 -17.21 -11.01 11.50
CA SER C 168 -16.35 -10.37 12.50
C SER C 168 -16.87 -9.00 12.92
N VAL C 169 -16.89 -8.76 14.22
CA VAL C 169 -17.27 -7.45 14.74
C VAL C 169 -16.05 -6.55 14.81
N ARG C 170 -16.27 -5.24 14.89
CA ARG C 170 -15.17 -4.29 14.98
C ARG C 170 -14.28 -4.59 16.18
N GLY C 171 -12.97 -4.66 15.93
CA GLY C 171 -12.01 -4.88 17.00
C GLY C 171 -11.48 -6.30 17.07
N CYS C 172 -12.11 -7.19 16.30
CA CYS C 172 -11.68 -8.59 16.23
C CYS C 172 -10.24 -8.72 15.75
N TYR C 173 -9.52 -9.66 16.34
CA TYR C 173 -8.15 -9.93 15.94
C TYR C 173 -7.90 -11.43 15.87
N THR C 174 -7.23 -11.86 14.80
CA THR C 174 -6.80 -13.24 14.66
C THR C 174 -5.28 -13.29 14.62
N ASP C 175 -4.68 -13.86 15.66
CA ASP C 175 -3.22 -13.90 15.79
C ASP C 175 -2.61 -14.70 14.65
N PHE C 176 -1.29 -14.58 14.48
CA PHE C 176 -0.58 -15.19 13.35
C PHE C 176 -0.77 -16.69 13.29
N HIS C 177 -0.83 -17.23 12.07
CA HIS C 177 -1.10 -18.63 11.87
C HIS C 177 -1.02 -19.01 10.40
N VAL C 178 -0.93 -20.32 10.15
CA VAL C 178 -0.96 -20.84 8.80
CA VAL C 178 -0.97 -20.83 8.79
C VAL C 178 -2.17 -21.75 8.63
N ASP C 179 -2.99 -21.48 7.62
CA ASP C 179 -4.19 -22.26 7.39
C ASP C 179 -3.87 -23.74 7.22
N PHE C 180 -4.79 -24.59 7.68
CA PHE C 180 -4.54 -26.02 7.81
C PHE C 180 -4.15 -26.68 6.48
N GLY C 181 -3.28 -27.69 6.59
CA GLY C 181 -2.82 -28.45 5.44
C GLY C 181 -1.95 -27.66 4.50
N GLY C 182 -1.58 -26.44 4.91
CA GLY C 182 -0.84 -25.55 4.05
C GLY C 182 -1.67 -25.12 2.85
N THR C 183 -2.99 -25.13 3.03
CA THR C 183 -3.90 -24.78 1.94
C THR C 183 -3.76 -23.33 1.53
N SER C 184 -4.07 -23.05 0.26
CA SER C 184 -4.13 -21.68 -0.22
C SER C 184 -5.53 -21.15 0.05
N VAL C 185 -5.67 -19.82 0.12
CA VAL C 185 -6.93 -19.22 0.51
C VAL C 185 -7.41 -18.13 -0.44
N TRP C 186 -8.70 -18.15 -0.76
CA TRP C 186 -9.33 -17.06 -1.48
C TRP C 186 -10.22 -16.30 -0.49
N TYR C 187 -10.20 -14.98 -0.58
CA TYR C 187 -10.76 -14.14 0.48
C TYR C 187 -11.47 -12.92 -0.08
N HIS C 188 -12.80 -12.98 -0.11
CA HIS C 188 -13.60 -11.90 -0.66
C HIS C 188 -14.33 -11.10 0.41
N ILE C 189 -14.04 -9.80 0.49
CA ILE C 189 -14.70 -8.93 1.46
C ILE C 189 -16.05 -8.47 0.94
N HIS C 190 -17.12 -9.05 1.49
CA HIS C 190 -18.46 -8.72 1.08
C HIS C 190 -18.90 -7.36 1.64
N GLN C 191 -18.70 -7.17 2.94
CA GLN C 191 -19.02 -5.91 3.59
C GLN C 191 -17.99 -5.61 4.69
N GLY C 192 -17.46 -4.39 4.68
CA GLY C 192 -16.49 -3.99 5.69
C GLY C 192 -15.07 -3.94 5.18
N GLY C 193 -14.14 -4.47 5.98
CA GLY C 193 -12.73 -4.48 5.62
C GLY C 193 -11.86 -5.24 6.60
N LYS C 194 -10.67 -5.64 6.14
CA LYS C 194 -9.74 -6.40 6.96
C LYS C 194 -8.32 -5.84 6.87
N VAL C 195 -7.56 -5.99 7.94
CA VAL C 195 -6.16 -5.59 7.97
C VAL C 195 -5.26 -6.80 8.15
N PHE C 196 -4.42 -7.07 7.16
CA PHE C 196 -3.59 -8.26 7.17
C PHE C 196 -2.12 -7.97 7.45
N TRP C 197 -1.51 -8.80 8.29
CA TRP C 197 -0.06 -8.82 8.44
C TRP C 197 0.46 -10.07 7.74
N LEU C 198 1.35 -9.89 6.78
CA LEU C 198 1.81 -11.00 5.96
C LEU C 198 3.28 -11.33 6.17
N ILE C 199 3.56 -12.62 6.30
CA ILE C 199 4.94 -13.10 6.46
C ILE C 199 5.22 -14.26 5.50
N PRO C 200 6.29 -14.12 4.70
CA PRO C 200 6.65 -15.15 3.71
C PRO C 200 7.11 -16.44 4.36
N PRO C 201 6.71 -17.59 3.77
CA PRO C 201 7.06 -18.90 4.32
C PRO C 201 8.50 -19.31 4.00
N THR C 202 9.46 -18.47 4.35
CA THR C 202 10.86 -18.82 4.20
C THR C 202 11.22 -19.91 5.21
N ALA C 203 12.35 -20.56 5.01
CA ALA C 203 12.79 -21.63 5.90
C ALA C 203 13.00 -21.09 7.32
N HIS C 204 13.54 -19.88 7.40
CA HIS C 204 13.80 -19.24 8.69
C HIS C 204 12.50 -18.82 9.38
N ASN C 205 11.55 -18.33 8.60
CA ASN C 205 10.29 -17.83 9.15
C ASN C 205 9.36 -18.95 9.60
N LEU C 206 9.40 -20.07 8.90
CA LEU C 206 8.64 -21.25 9.30
C LEU C 206 9.20 -21.84 10.59
N GLU C 207 10.52 -21.77 10.73
CA GLU C 207 11.18 -22.23 11.94
C GLU C 207 10.88 -21.28 13.10
N LEU C 208 10.83 -19.99 12.77
CA LEU C 208 10.47 -18.96 13.75
C LEU C 208 9.02 -19.15 14.19
N TYR C 209 8.16 -19.41 13.21
CA TYR C 209 6.74 -19.62 13.46
C TYR C 209 6.50 -20.83 14.37
N GLU C 210 7.15 -21.95 14.06
CA GLU C 210 6.99 -23.18 14.82
C GLU C 210 7.45 -23.05 16.28
N ASN C 211 8.63 -22.46 16.47
CA ASN C 211 9.14 -22.22 17.82
C ASN C 211 8.24 -21.25 18.59
N TRP C 212 7.63 -20.32 17.85
CA TRP C 212 6.69 -19.37 18.43
C TRP C 212 5.46 -20.08 18.98
N LEU C 213 5.04 -21.13 18.28
CA LEU C 213 3.92 -21.95 18.75
C LEU C 213 4.30 -22.69 20.03
N LEU C 214 5.45 -23.36 20.01
CA LEU C 214 5.88 -24.24 21.09
C LEU C 214 6.26 -23.48 22.35
N SER C 215 6.51 -22.19 22.20
CA SER C 215 6.91 -21.31 23.30
C SER C 215 5.76 -21.04 24.24
N GLY C 216 4.58 -20.82 23.66
CA GLY C 216 3.40 -20.49 24.44
C GLY C 216 3.22 -19.00 24.60
N LYS C 217 4.32 -18.26 24.53
CA LYS C 217 4.26 -16.80 24.65
C LYS C 217 3.76 -16.19 23.35
N GLN C 218 2.70 -16.77 22.81
CA GLN C 218 2.13 -16.31 21.55
C GLN C 218 1.41 -14.98 21.74
N GLY C 219 0.87 -14.78 22.94
CA GLY C 219 0.18 -13.55 23.28
C GLY C 219 1.08 -12.54 23.94
N ASP C 220 2.38 -12.80 23.92
CA ASP C 220 3.36 -11.91 24.52
C ASP C 220 4.33 -11.39 23.47
N ILE C 221 4.15 -11.85 22.23
CA ILE C 221 5.06 -11.49 21.14
C ILE C 221 4.33 -11.30 19.82
N PHE C 222 4.53 -10.13 19.20
CA PHE C 222 3.99 -9.89 17.87
C PHE C 222 4.94 -10.44 16.82
N LEU C 223 4.52 -11.51 16.15
CA LEU C 223 5.38 -12.26 15.25
C LEU C 223 5.88 -11.43 14.08
N GLY C 224 5.14 -10.38 13.73
CA GLY C 224 5.53 -9.51 12.64
C GLY C 224 6.73 -8.64 12.98
N ASP C 225 7.05 -8.57 14.27
CA ASP C 225 8.13 -7.70 14.72
C ASP C 225 9.51 -8.34 14.62
N ARG C 226 9.55 -9.67 14.70
CA ARG C 226 10.83 -10.37 14.75
C ARG C 226 11.16 -11.12 13.45
N VAL C 227 10.55 -10.69 12.35
CA VAL C 227 10.97 -11.14 11.03
C VAL C 227 11.53 -9.95 10.27
N SER C 228 12.38 -10.22 9.30
CA SER C 228 13.04 -9.13 8.56
C SER C 228 12.08 -8.39 7.65
N ASP C 229 11.12 -9.11 7.07
CA ASP C 229 10.19 -8.53 6.11
C ASP C 229 8.75 -8.91 6.38
N CYS C 230 7.94 -7.92 6.75
CA CYS C 230 6.53 -8.12 6.97
C CYS C 230 5.73 -7.00 6.31
N GLN C 231 4.56 -7.34 5.78
CA GLN C 231 3.72 -6.35 5.12
C GLN C 231 2.34 -6.26 5.77
N ARG C 232 1.97 -5.05 6.19
CA ARG C 232 0.61 -4.80 6.63
C ARG C 232 -0.18 -4.26 5.45
N ILE C 233 -1.23 -4.98 5.06
CA ILE C 233 -2.03 -4.60 3.91
C ILE C 233 -3.50 -4.42 4.29
N GLU C 234 -4.14 -3.44 3.66
CA GLU C 234 -5.54 -3.14 3.93
C GLU C 234 -6.46 -3.69 2.84
N LEU C 235 -7.37 -4.57 3.21
CA LEU C 235 -8.36 -5.09 2.28
C LEU C 235 -9.67 -4.32 2.41
N LYS C 236 -10.18 -3.83 1.28
CA LYS C 236 -11.40 -3.04 1.28
C LYS C 236 -12.59 -3.83 0.73
N GLN C 237 -13.77 -3.24 0.85
CA GLN C 237 -15.01 -3.88 0.39
C GLN C 237 -15.00 -4.09 -1.12
N GLY C 238 -15.21 -5.33 -1.54
CA GLY C 238 -15.19 -5.65 -2.95
C GLY C 238 -13.89 -6.32 -3.38
N TYR C 239 -12.87 -6.21 -2.53
CA TYR C 239 -11.57 -6.83 -2.81
C TYR C 239 -11.63 -8.34 -2.67
N THR C 240 -10.86 -9.02 -3.51
CA THR C 240 -10.69 -10.46 -3.38
C THR C 240 -9.21 -10.76 -3.13
N PHE C 241 -8.93 -11.49 -2.06
CA PHE C 241 -7.56 -11.72 -1.64
C PHE C 241 -7.21 -13.21 -1.73
N VAL C 242 -6.06 -13.51 -2.33
CA VAL C 242 -5.60 -14.88 -2.48
C VAL C 242 -4.28 -15.09 -1.75
N ILE C 243 -4.29 -15.99 -0.78
CA ILE C 243 -3.09 -16.28 0.03
C ILE C 243 -2.43 -17.58 -0.41
N PRO C 244 -1.15 -17.50 -0.80
CA PRO C 244 -0.38 -18.68 -1.20
C PRO C 244 -0.15 -19.64 -0.02
N SER C 245 0.32 -20.84 -0.31
CA SER C 245 0.51 -21.86 0.72
C SER C 245 1.64 -21.52 1.70
N GLY C 246 1.34 -21.67 2.98
CA GLY C 246 2.35 -21.54 4.01
C GLY C 246 2.57 -20.14 4.55
N TRP C 247 1.87 -19.16 3.99
CA TRP C 247 2.06 -17.78 4.40
C TRP C 247 1.50 -17.50 5.80
N ILE C 248 2.36 -17.03 6.68
CA ILE C 248 1.97 -16.70 8.05
C ILE C 248 1.29 -15.33 8.09
N HIS C 249 0.06 -15.29 8.57
CA HIS C 249 -0.70 -14.04 8.57
C HIS C 249 -1.56 -13.85 9.82
N ALA C 250 -1.68 -12.60 10.24
CA ALA C 250 -2.62 -12.21 11.29
C ALA C 250 -3.59 -11.21 10.71
N VAL C 251 -4.77 -11.09 11.30
CA VAL C 251 -5.83 -10.26 10.74
C VAL C 251 -6.56 -9.44 11.80
N TYR C 252 -6.77 -8.17 11.51
CA TYR C 252 -7.53 -7.29 12.38
C TYR C 252 -8.80 -6.83 11.69
N THR C 253 -9.83 -6.56 12.49
CA THR C 253 -11.12 -6.11 11.96
C THR C 253 -11.44 -4.70 12.42
N PRO C 254 -11.20 -3.70 11.56
CA PRO C 254 -11.42 -2.29 11.88
C PRO C 254 -12.89 -1.91 11.92
N THR C 255 -13.75 -2.74 11.36
CA THR C 255 -15.19 -2.46 11.30
C THR C 255 -15.97 -3.75 11.12
N ASP C 256 -17.24 -3.75 11.54
CA ASP C 256 -18.10 -4.91 11.37
C ASP C 256 -18.06 -5.41 9.93
N THR C 257 -17.55 -6.61 9.74
CA THR C 257 -17.25 -7.12 8.41
C THR C 257 -17.93 -8.45 8.09
N LEU C 258 -18.29 -8.63 6.82
CA LEU C 258 -18.84 -9.90 6.34
C LEU C 258 -17.96 -10.42 5.21
N VAL C 259 -17.36 -11.59 5.41
CA VAL C 259 -16.44 -12.15 4.44
C VAL C 259 -16.83 -13.55 4.00
N PHE C 260 -16.64 -13.82 2.71
CA PHE C 260 -16.83 -15.15 2.16
C PHE C 260 -15.52 -15.62 1.54
N GLY C 261 -15.05 -16.79 1.97
CA GLY C 261 -13.80 -17.32 1.47
C GLY C 261 -13.74 -18.84 1.54
N GLY C 262 -12.60 -19.39 1.13
CA GLY C 262 -12.43 -20.83 1.15
C GLY C 262 -10.98 -21.25 1.01
N ASN C 263 -10.69 -22.49 1.38
CA ASN C 263 -9.35 -23.04 1.28
C ASN C 263 -9.29 -24.11 0.20
N PHE C 264 -8.10 -24.40 -0.30
CA PHE C 264 -7.95 -25.44 -1.30
C PHE C 264 -6.50 -25.88 -1.45
N LEU C 265 -6.32 -27.15 -1.81
CA LEU C 265 -5.01 -27.68 -2.14
C LEU C 265 -4.87 -27.78 -3.65
N HIS C 266 -3.66 -27.59 -4.15
CA HIS C 266 -3.40 -27.71 -5.58
C HIS C 266 -2.07 -28.40 -5.83
N SER C 267 -1.77 -28.67 -7.10
CA SER C 267 -0.60 -29.46 -7.49
C SER C 267 0.62 -28.61 -7.82
N PHE C 268 0.56 -27.31 -7.53
CA PHE C 268 1.63 -26.41 -7.94
C PHE C 268 2.48 -25.91 -6.79
N ASN C 269 2.24 -26.45 -5.60
CA ASN C 269 3.13 -26.21 -4.47
C ASN C 269 2.93 -27.27 -3.39
N ILE C 270 3.01 -28.53 -3.79
CA ILE C 270 2.85 -29.67 -2.89
C ILE C 270 3.91 -29.70 -1.77
N PRO C 271 5.17 -29.37 -2.09
CA PRO C 271 6.22 -29.38 -1.07
C PRO C 271 5.91 -28.50 0.14
N MET C 272 5.42 -27.30 -0.11
CA MET C 272 5.07 -26.37 0.96
C MET C 272 3.86 -26.87 1.73
N GLN C 273 2.90 -27.46 1.02
CA GLN C 273 1.72 -28.03 1.65
C GLN C 273 2.10 -29.15 2.61
N LEU C 274 3.07 -29.97 2.20
CA LEU C 274 3.56 -31.05 3.07
C LEU C 274 4.36 -30.47 4.23
N LYS C 275 5.08 -29.39 3.97
CA LYS C 275 5.85 -28.70 5.01
C LYS C 275 4.95 -28.29 6.16
N ILE C 276 3.86 -27.60 5.84
CA ILE C 276 2.93 -27.10 6.85
C ILE C 276 2.26 -28.22 7.61
N TYR C 277 2.00 -29.34 6.93
CA TYR C 277 1.36 -30.49 7.57
C TYR C 277 2.25 -31.07 8.66
N SER C 278 3.56 -31.10 8.41
CA SER C 278 4.50 -31.64 9.39
C SER C 278 4.65 -30.71 10.59
N ILE C 279 4.49 -29.40 10.36
CA ILE C 279 4.54 -28.44 11.45
C ILE C 279 3.34 -28.62 12.37
N GLU C 280 2.18 -28.89 11.77
CA GLU C 280 0.98 -29.21 12.54
C GLU C 280 1.21 -30.47 13.36
N ASP C 281 1.86 -31.44 12.74
CA ASP C 281 2.19 -32.71 13.39
C ASP C 281 3.07 -32.48 14.62
N ARG C 282 4.15 -31.74 14.44
CA ARG C 282 5.12 -31.53 15.51
C ARG C 282 4.60 -30.62 16.61
N THR C 283 3.67 -29.72 16.27
CA THR C 283 3.12 -28.79 17.25
C THR C 283 1.85 -29.33 17.89
N ARG C 284 1.46 -30.55 17.52
CA ARG C 284 0.37 -31.26 18.17
C ARG C 284 -0.98 -30.58 17.99
N VAL C 285 -1.22 -30.02 16.81
CA VAL C 285 -2.51 -29.42 16.49
C VAL C 285 -3.59 -30.51 16.45
N PRO C 286 -4.67 -30.31 17.22
CA PRO C 286 -5.80 -31.25 17.24
C PRO C 286 -6.38 -31.45 15.84
N ASN C 287 -6.96 -32.63 15.59
CA ASN C 287 -7.47 -32.96 14.25
C ASN C 287 -8.61 -32.07 13.79
N LYS C 288 -9.36 -31.52 14.73
CA LYS C 288 -10.53 -30.71 14.38
C LYS C 288 -10.13 -29.43 13.67
N PHE C 289 -8.89 -28.99 13.88
CA PHE C 289 -8.42 -27.75 13.25
C PHE C 289 -7.52 -28.04 12.06
N ARG C 290 -7.60 -29.26 11.54
CA ARG C 290 -6.74 -29.66 10.42
C ARG C 290 -7.55 -30.01 9.17
N TYR C 291 -6.85 -30.13 8.05
CA TYR C 291 -7.46 -30.53 6.79
C TYR C 291 -7.88 -31.99 6.87
N PRO C 292 -9.19 -32.24 6.74
CA PRO C 292 -9.75 -33.60 6.83
C PRO C 292 -9.33 -34.49 5.67
N PHE C 293 -8.96 -35.73 5.96
CA PHE C 293 -8.60 -36.70 4.94
C PHE C 293 -7.41 -36.22 4.12
N TYR C 294 -6.41 -35.66 4.79
CA TYR C 294 -5.28 -35.04 4.11
C TYR C 294 -4.48 -36.05 3.27
N TYR C 295 -4.13 -37.18 3.86
CA TYR C 295 -3.32 -38.18 3.17
C TYR C 295 -4.16 -39.02 2.21
N GLU C 296 -5.44 -39.19 2.51
CA GLU C 296 -6.35 -39.88 1.61
C GLU C 296 -6.42 -39.11 0.29
N MET C 297 -6.52 -37.79 0.40
CA MET C 297 -6.55 -36.92 -0.75
C MET C 297 -5.27 -37.03 -1.56
N CYS C 298 -4.13 -37.08 -0.85
CA CYS C 298 -2.84 -37.19 -1.50
C CYS C 298 -2.75 -38.47 -2.35
N TRP C 299 -3.17 -39.59 -1.77
CA TRP C 299 -3.17 -40.87 -2.49
C TRP C 299 -3.99 -40.79 -3.78
N TYR C 300 -5.16 -40.14 -3.69
CA TYR C 300 -6.02 -39.97 -4.85
C TYR C 300 -5.36 -39.09 -5.91
N VAL C 301 -4.57 -38.12 -5.47
CA VAL C 301 -3.88 -37.22 -6.40
C VAL C 301 -2.89 -37.99 -7.27
N LEU C 302 -2.16 -38.92 -6.67
CA LEU C 302 -1.18 -39.72 -7.40
C LEU C 302 -1.88 -40.59 -8.44
N GLU C 303 -3.02 -41.16 -8.06
CA GLU C 303 -3.77 -42.04 -8.94
C GLU C 303 -4.31 -41.28 -10.15
N ARG C 304 -4.79 -40.07 -9.90
CA ARG C 304 -5.34 -39.23 -10.98
C ARG C 304 -4.28 -38.90 -12.03
N TYR C 305 -3.08 -38.52 -11.58
CA TYR C 305 -2.01 -38.17 -12.50
C TYR C 305 -1.55 -39.37 -13.32
N VAL C 306 -1.41 -40.52 -12.65
CA VAL C 306 -0.99 -41.74 -13.32
C VAL C 306 -1.99 -42.17 -14.39
N TYR C 307 -3.28 -42.01 -14.10
CA TYR C 307 -4.33 -42.42 -15.02
C TYR C 307 -4.49 -41.44 -16.17
N CYS C 308 -4.55 -40.16 -15.84
CA CYS C 308 -4.72 -39.11 -16.86
C CYS C 308 -3.56 -39.06 -17.84
N ILE C 309 -2.43 -39.66 -17.46
CA ILE C 309 -1.23 -39.61 -18.30
C ILE C 309 -0.95 -40.94 -19.00
N THR C 310 -1.03 -42.03 -18.24
CA THR C 310 -0.68 -43.35 -18.76
C THR C 310 -1.91 -44.23 -19.00
N ASN C 311 -3.06 -43.73 -18.57
CA ASN C 311 -4.32 -44.46 -18.75
C ASN C 311 -4.42 -45.72 -17.89
N ARG C 312 -3.55 -45.83 -16.89
CA ARG C 312 -3.58 -46.98 -16.00
C ARG C 312 -4.23 -46.62 -14.66
N SER C 313 -5.33 -47.29 -14.34
CA SER C 313 -6.10 -47.00 -13.13
C SER C 313 -5.62 -47.81 -11.93
N HIS C 314 -5.46 -47.14 -10.80
CA HIS C 314 -5.08 -47.82 -9.57
C HIS C 314 -6.21 -47.74 -8.54
N LEU C 315 -7.42 -47.47 -9.03
CA LEU C 315 -8.62 -47.52 -8.21
C LEU C 315 -9.23 -48.91 -8.29
N THR C 316 -10.01 -49.29 -7.28
CA THR C 316 -10.69 -50.58 -7.28
C THR C 316 -11.65 -50.66 -8.46
N LYS C 317 -12.06 -51.88 -8.82
CA LYS C 317 -13.02 -52.08 -9.90
C LYS C 317 -14.31 -51.33 -9.63
N ASP C 318 -14.77 -51.40 -8.38
CA ASP C 318 -16.00 -50.72 -7.98
C ASP C 318 -15.88 -49.20 -8.09
N PHE C 319 -14.73 -48.67 -7.72
CA PHE C 319 -14.49 -47.23 -7.80
C PHE C 319 -14.33 -46.78 -9.24
N GLN C 320 -13.83 -47.67 -10.09
CA GLN C 320 -13.70 -47.38 -11.50
C GLN C 320 -15.08 -47.31 -12.16
N LYS C 321 -15.96 -48.22 -11.75
CA LYS C 321 -17.30 -48.28 -12.29
C LYS C 321 -18.15 -47.11 -11.81
N GLU C 322 -17.89 -46.65 -10.59
CA GLU C 322 -18.57 -45.48 -10.04
C GLU C 322 -18.25 -44.25 -10.89
N SER C 323 -16.98 -44.10 -11.25
CA SER C 323 -16.53 -42.97 -12.05
C SER C 323 -17.04 -43.09 -13.48
N LEU C 324 -17.03 -44.32 -14.00
CA LEU C 324 -17.48 -44.58 -15.37
C LEU C 324 -18.97 -44.26 -15.51
N SER C 325 -19.74 -44.59 -14.48
CA SER C 325 -21.18 -44.32 -14.47
C SER C 325 -21.46 -42.82 -14.49
N MET C 326 -20.55 -42.05 -13.91
CA MET C 326 -20.73 -40.60 -13.85
C MET C 326 -20.24 -39.92 -15.12
N ASP C 327 -19.35 -40.58 -15.84
CA ASP C 327 -18.87 -40.06 -17.12
C ASP C 327 -19.97 -40.13 -18.18
N MET C 328 -20.92 -41.05 -17.98
CA MET C 328 -21.99 -41.31 -18.94
C MET C 328 -23.20 -40.38 -18.72
N GLU C 329 -23.15 -39.57 -17.67
CA GLU C 329 -24.20 -38.61 -17.33
C GLU C 329 -24.24 -37.48 -18.36
N GLN D 1 4.92 -35.61 -25.83
CA GLN D 1 4.18 -36.48 -24.94
C GLN D 1 4.06 -35.93 -23.53
N VAL D 2 3.09 -35.04 -23.31
CA VAL D 2 2.77 -34.45 -22.00
C VAL D 2 3.96 -33.82 -21.28
N HIS D 3 3.88 -32.51 -21.10
CA HIS D 3 4.93 -31.74 -20.44
C HIS D 3 4.42 -31.12 -19.14
N LEU D 4 4.84 -31.68 -18.01
CA LEU D 4 4.50 -31.13 -16.70
C LEU D 4 5.42 -29.98 -16.33
N THR D 5 4.87 -28.97 -15.68
CA THR D 5 5.67 -27.89 -15.15
C THR D 5 6.63 -28.42 -14.09
N HIS D 6 7.74 -27.73 -13.87
CA HIS D 6 8.70 -28.17 -12.87
C HIS D 6 8.06 -28.12 -11.47
N PHE D 7 7.05 -27.26 -11.33
CA PHE D 7 6.29 -27.17 -10.08
C PHE D 7 5.64 -28.51 -9.74
N GLU D 8 5.07 -29.16 -10.74
CA GLU D 8 4.37 -30.43 -10.54
C GLU D 8 5.35 -31.60 -10.38
N LEU D 9 6.37 -31.65 -11.23
CA LEU D 9 7.37 -32.70 -11.17
C LEU D 9 8.05 -32.73 -9.80
N GLU D 10 8.35 -31.55 -9.28
CA GLU D 10 8.99 -31.42 -7.98
C GLU D 10 8.02 -31.80 -6.86
N GLY D 11 6.75 -31.43 -7.04
CA GLY D 11 5.73 -31.72 -6.04
C GLY D 11 5.35 -33.18 -6.00
N LEU D 12 5.30 -33.83 -7.16
CA LEU D 12 4.94 -35.23 -7.22
C LEU D 12 6.01 -36.11 -6.59
N ARG D 13 7.28 -35.73 -6.77
CA ARG D 13 8.38 -36.48 -6.17
C ARG D 13 8.31 -36.43 -4.65
N CYS D 14 7.96 -35.25 -4.12
CA CYS D 14 7.83 -35.08 -2.68
C CYS D 14 6.64 -35.85 -2.14
N LEU D 15 5.61 -36.01 -2.98
CA LEU D 15 4.40 -36.72 -2.59
C LEU D 15 4.66 -38.21 -2.44
N VAL D 16 5.25 -38.81 -3.47
CA VAL D 16 5.47 -40.26 -3.51
C VAL D 16 6.50 -40.66 -2.45
N ASP D 17 7.53 -39.84 -2.26
CA ASP D 17 8.52 -40.11 -1.23
C ASP D 17 7.87 -40.03 0.16
N LYS D 18 6.89 -39.14 0.29
CA LYS D 18 6.19 -38.95 1.56
C LYS D 18 5.23 -40.11 1.86
N LEU D 19 4.33 -40.41 0.94
CA LEU D 19 3.33 -41.45 1.15
C LEU D 19 3.96 -42.83 1.27
N GLU D 20 5.06 -43.05 0.54
CA GLU D 20 5.75 -44.34 0.52
C GLU D 20 6.39 -44.69 1.86
N SER D 21 6.83 -43.68 2.59
CA SER D 21 7.60 -43.89 3.81
C SER D 21 6.79 -43.66 5.08
N LEU D 22 5.48 -43.48 4.93
CA LEU D 22 4.58 -43.40 6.07
C LEU D 22 4.34 -44.79 6.62
N PRO D 23 4.46 -44.95 7.95
CA PRO D 23 4.18 -46.25 8.57
C PRO D 23 2.73 -46.67 8.35
N LEU D 24 2.45 -47.97 8.48
CA LEU D 24 1.13 -48.52 8.19
C LEU D 24 0.00 -47.80 8.93
N HIS D 25 0.26 -47.41 10.17
CA HIS D 25 -0.76 -46.78 11.00
C HIS D 25 -0.91 -45.29 10.70
N LYS D 26 -0.09 -44.78 9.78
CA LYS D 26 -0.13 -43.37 9.42
C LYS D 26 -0.30 -43.15 7.92
N LYS D 27 -0.29 -44.24 7.15
CA LYS D 27 -0.33 -44.14 5.70
C LYS D 27 -1.66 -43.58 5.20
N CYS D 28 -2.75 -44.06 5.78
CA CYS D 28 -4.09 -43.59 5.44
C CYS D 28 -4.46 -43.84 3.97
N VAL D 29 -4.25 -45.06 3.51
CA VAL D 29 -4.64 -45.44 2.15
C VAL D 29 -6.16 -45.43 2.02
N PRO D 30 -6.70 -44.58 1.14
CA PRO D 30 -8.14 -44.46 0.94
C PRO D 30 -8.78 -45.77 0.48
N THR D 31 -10.09 -45.89 0.69
CA THR D 31 -10.81 -47.12 0.40
C THR D 31 -10.87 -47.40 -1.11
N GLY D 32 -10.70 -46.35 -1.90
CA GLY D 32 -10.80 -46.46 -3.36
C GLY D 32 -9.54 -46.98 -4.05
N ILE D 33 -8.41 -46.95 -3.34
CA ILE D 33 -7.15 -47.42 -3.90
C ILE D 33 -7.02 -48.94 -3.80
N GLU D 34 -6.52 -49.56 -4.86
CA GLU D 34 -6.35 -51.00 -4.89
C GLU D 34 -4.97 -51.43 -4.39
N ASP D 35 -3.96 -51.24 -5.22
CA ASP D 35 -2.58 -51.59 -4.86
C ASP D 35 -1.72 -50.34 -4.73
N GLU D 36 -1.56 -49.86 -3.51
CA GLU D 36 -0.83 -48.61 -3.26
C GLU D 36 0.65 -48.75 -3.58
N ASP D 37 1.18 -49.95 -3.41
CA ASP D 37 2.58 -50.23 -3.75
C ASP D 37 2.79 -50.15 -5.26
N ALA D 38 1.83 -50.69 -6.02
CA ALA D 38 1.90 -50.66 -7.48
C ALA D 38 1.72 -49.23 -7.98
N LEU D 39 0.82 -48.49 -7.34
CA LEU D 39 0.60 -47.09 -7.67
C LEU D 39 1.87 -46.28 -7.47
N ILE D 40 2.57 -46.53 -6.37
CA ILE D 40 3.82 -45.85 -6.08
C ILE D 40 4.85 -46.09 -7.18
N ALA D 41 4.97 -47.36 -7.58
CA ALA D 41 5.96 -47.76 -8.57
C ALA D 41 5.75 -47.07 -9.92
N ASP D 42 4.49 -46.97 -10.34
CA ASP D 42 4.17 -46.36 -11.61
C ASP D 42 4.45 -44.86 -11.62
N VAL D 43 4.29 -44.22 -10.46
CA VAL D 43 4.55 -42.79 -10.33
C VAL D 43 6.03 -42.50 -10.56
N LYS D 44 6.89 -43.31 -9.96
CA LYS D 44 8.33 -43.17 -10.12
C LYS D 44 8.74 -43.37 -11.58
N ILE D 45 8.07 -44.31 -12.25
CA ILE D 45 8.30 -44.53 -13.67
C ILE D 45 7.81 -43.33 -14.47
N LEU D 46 6.65 -42.80 -14.11
CA LEU D 46 6.07 -41.65 -14.78
C LEU D 46 6.96 -40.42 -14.66
N LEU D 47 7.52 -40.22 -13.47
CA LEU D 47 8.39 -39.07 -13.21
C LEU D 47 9.74 -39.22 -13.89
N GLU D 48 10.19 -40.46 -14.06
CA GLU D 48 11.44 -40.74 -14.74
C GLU D 48 11.33 -40.39 -16.22
N GLU D 49 10.19 -40.71 -16.82
CA GLU D 49 9.97 -40.46 -18.24
C GLU D 49 9.60 -39.01 -18.51
N LEU D 50 9.01 -38.36 -17.51
CA LEU D 50 8.59 -36.96 -17.63
C LEU D 50 9.64 -36.00 -17.10
N ALA D 51 10.80 -36.53 -16.75
CA ALA D 51 11.85 -35.75 -16.12
C ALA D 51 12.36 -34.62 -17.02
N SER D 52 12.29 -34.83 -18.33
CA SER D 52 12.81 -33.85 -19.28
C SER D 52 11.69 -33.09 -19.99
N SER D 53 10.64 -32.74 -19.25
CA SER D 53 9.54 -31.98 -19.81
C SER D 53 9.97 -30.56 -20.18
N ASP D 54 9.64 -30.13 -21.39
CA ASP D 54 9.95 -28.78 -21.84
C ASP D 54 9.06 -27.76 -21.13
N PRO D 55 9.67 -26.81 -20.42
CA PRO D 55 8.97 -25.77 -19.66
C PRO D 55 8.02 -24.93 -20.53
N LYS D 56 8.41 -24.65 -21.77
CA LYS D 56 7.56 -23.86 -22.65
C LYS D 56 6.27 -24.62 -22.98
N LEU D 57 6.42 -25.85 -23.46
CA LEU D 57 5.28 -26.66 -23.90
C LEU D 57 4.38 -27.07 -22.72
N ALA D 58 4.87 -26.88 -21.51
CA ALA D 58 4.13 -27.22 -20.30
C ALA D 58 3.04 -26.19 -20.01
N LEU D 59 3.25 -24.98 -20.49
CA LEU D 59 2.32 -23.88 -20.28
C LEU D 59 1.14 -23.98 -21.25
N THR D 60 0.31 -25.00 -21.06
CA THR D 60 -0.81 -25.26 -21.95
C THR D 60 -2.02 -24.40 -21.65
N GLY D 61 -2.13 -23.95 -20.40
CA GLY D 61 -3.27 -23.17 -19.97
C GLY D 61 -4.42 -24.05 -19.55
N VAL D 62 -4.18 -25.36 -19.56
CA VAL D 62 -5.19 -26.32 -19.15
C VAL D 62 -4.55 -27.41 -18.29
N PRO D 63 -5.23 -27.81 -17.22
CA PRO D 63 -4.72 -28.81 -16.27
C PRO D 63 -4.56 -30.18 -16.91
N ILE D 64 -3.55 -30.93 -16.49
CA ILE D 64 -3.38 -32.30 -16.97
C ILE D 64 -4.43 -33.20 -16.34
N VAL D 65 -4.86 -32.84 -15.13
CA VAL D 65 -5.89 -33.61 -14.43
C VAL D 65 -7.25 -32.95 -14.55
N GLN D 66 -8.12 -33.56 -15.35
CA GLN D 66 -9.49 -33.09 -15.51
C GLN D 66 -10.42 -34.28 -15.72
N TRP D 67 -11.70 -34.11 -15.35
CA TRP D 67 -12.67 -35.17 -15.54
C TRP D 67 -13.10 -35.24 -17.01
N PRO D 68 -13.35 -36.47 -17.50
CA PRO D 68 -13.80 -36.70 -18.88
C PRO D 68 -15.07 -35.94 -19.22
N ALA E 1 22.95 33.19 -21.67
CA ALA E 1 22.36 32.03 -21.03
C ALA E 1 22.54 32.07 -19.53
N PRO E 2 21.92 33.05 -18.86
CA PRO E 2 22.01 33.19 -17.40
C PRO E 2 21.38 31.99 -16.68
N ALA E 3 22.10 31.43 -15.71
CA ALA E 3 21.61 30.28 -14.98
C ALA E 3 20.48 30.66 -14.02
N THR E 4 19.48 29.80 -13.91
CA THR E 4 18.37 30.01 -13.01
C THR E 4 18.18 28.82 -12.09
N GLY E 5 17.27 28.94 -11.13
CA GLY E 5 17.00 27.87 -10.18
C GLY E 5 15.62 27.99 -9.59
N GLY E 6 15.09 26.86 -9.10
CA GLY E 6 13.77 26.84 -8.50
C GLY E 6 12.67 26.81 -9.55
N VAL E 7 12.96 26.24 -10.70
CA VAL E 7 11.97 26.13 -11.78
C VAL E 7 11.15 24.86 -11.59
N MLZ E 8 9.82 25.01 -11.69
CA MLZ E 8 8.93 23.88 -11.51
CB MLZ E 8 7.66 24.38 -10.86
CG MLZ E 8 7.98 25.22 -9.63
CD MLZ E 8 6.71 25.64 -8.90
CE MLZ E 8 5.92 24.47 -8.33
NZ MLZ E 8 4.74 24.96 -7.64
CM MLZ E 8 3.84 24.02 -7.02
C MLZ E 8 8.61 23.26 -12.83
O MLZ E 8 7.96 23.91 -13.68
N LYS E 9 9.04 22.02 -13.03
CA LYS E 9 8.72 21.29 -14.26
C LYS E 9 8.97 19.80 -14.08
N PRO E 10 8.06 18.97 -14.60
CA PRO E 10 8.18 17.50 -14.50
C PRO E 10 9.23 16.95 -15.46
N ALA F 1 -20.48 -35.14 22.35
CA ALA F 1 -19.24 -34.55 21.86
C ALA F 1 -18.85 -35.15 20.50
N PRO F 2 -19.66 -34.87 19.47
CA PRO F 2 -19.37 -35.34 18.10
C PRO F 2 -18.11 -34.69 17.54
N ALA F 3 -17.21 -35.50 16.99
CA ALA F 3 -15.95 -34.99 16.43
C ALA F 3 -16.19 -34.24 15.13
N THR F 4 -15.47 -33.14 14.95
CA THR F 4 -15.56 -32.37 13.72
C THR F 4 -14.18 -32.19 13.08
N GLY F 5 -14.15 -31.57 11.91
CA GLY F 5 -12.90 -31.35 11.21
C GLY F 5 -13.01 -30.20 10.22
N GLY F 6 -11.88 -29.59 9.88
CA GLY F 6 -11.86 -28.48 8.96
C GLY F 6 -12.27 -27.18 9.63
N VAL F 7 -11.95 -27.06 10.92
CA VAL F 7 -12.25 -25.85 11.67
C VAL F 7 -11.07 -24.87 11.61
N MLZ F 8 -11.37 -23.62 11.27
CA MLZ F 8 -10.34 -22.60 11.14
CB MLZ F 8 -10.78 -21.63 10.06
CG MLZ F 8 -11.18 -22.38 8.80
CD MLZ F 8 -11.58 -21.41 7.69
CE MLZ F 8 -10.44 -20.52 7.22
NZ MLZ F 8 -10.90 -19.65 6.16
CM MLZ F 8 -9.97 -18.74 5.51
C MLZ F 8 -10.15 -21.86 12.43
O MLZ F 8 -11.09 -21.18 12.91
N LYS F 9 -8.96 -21.96 13.00
CA LYS F 9 -8.62 -21.23 14.22
C LYS F 9 -7.11 -21.24 14.48
N PRO F 10 -6.57 -20.10 14.92
CA PRO F 10 -5.14 -19.98 15.23
C PRO F 10 -4.76 -20.64 16.55
FE FE G . 3.66 19.79 -8.40
N NO H . 4.61 21.36 -9.32
O NO H . 6.03 21.59 -9.49
C1 SIN I . -0.48 22.25 -12.79
O1 SIN I . -1.30 23.01 -12.23
O2 SIN I . -0.43 22.21 -14.03
C2 SIN I . 0.44 21.37 -11.98
C3 SIN I . 1.45 22.21 -11.20
C4 SIN I . 1.62 21.66 -9.81
O3 SIN I . 1.58 22.42 -8.82
O4 SIN I . 1.79 20.44 -9.62
H21 SIN I . 0.96 20.68 -12.63
H22 SIN I . -0.15 20.78 -11.26
H31 SIN I . 1.11 23.24 -11.15
H32 SIN I . 2.41 22.19 -11.72
FE FE J . -6.02 -17.79 7.71
C1 SIN K . -8.13 -16.01 8.15
O1 SIN K . -8.22 -16.74 7.15
O2 SIN K . -7.04 -15.94 8.75
C2 SIN K . -9.33 -15.22 8.64
C3 SIN K . -8.92 -14.26 9.74
C4 SIN K . -10.03 -13.28 10.04
O3 SIN K . -10.61 -12.66 9.12
O4 SIN K . -10.39 -13.07 11.22
H21 SIN K . -9.76 -14.67 7.80
H22 SIN K . -10.10 -15.91 9.00
H31 SIN K . -8.03 -13.71 9.44
H32 SIN K . -8.68 -14.82 10.65
#